data_6BW8
#
_entry.id   6BW8
#
_cell.length_a   39.178
_cell.length_b   135.397
_cell.length_c   95.750
_cell.angle_alpha   90.00
_cell.angle_beta   90.12
_cell.angle_gamma   90.00
#
_symmetry.space_group_name_H-M   'P 1 21 1'
#
loop_
_entity.id
_entity.type
_entity.pdbx_description
1 polymer 'Induced myeloid leukemia cell differentiation protein Mcl-1'
2 non-polymer '7-{8-chloro-11-[3-(4-chloro-3,5-dimethylphenoxy)propyl]-1-oxo-7-(1,3,5-trimethyl-1H-pyrazol-4-yl)-4,5-dihydro-1H-[1,4]diazepino[1,2-a]indol-2(3H)-yl}-1-methyl-1H-indole-3-carboxylic acid'
#
_entity_poly.entity_id   1
_entity_poly.type   'polypeptide(L)'
_entity_poly.pdbx_seq_one_letter_code
;ADDELYRQSLEIISRYLREQATGAKDTKPMGRSGATSRKALETLRRVGDGVQRNHETAFQGMLRKLDIKNEDDVKSLSRV
MIHVFSDGVTNWGRIVTLISFGAFVAKHLKTINQESCIEPLAESITDVLVRTKRDWLVKQRGWDGFVEFFHVEDLEGG
;
_entity_poly.pdbx_strand_id   A,B,C,D
#
loop_
_chem_comp.id
_chem_comp.type
_chem_comp.name
_chem_comp.formula
ECM non-polymer '7-{8-chloro-11-[3-(4-chloro-3,5-dimethylphenoxy)propyl]-1-oxo-7-(1,3,5-trimethyl-1H-pyrazol-4-yl)-4,5-dihydro-1H-[1,4]diazepino[1,2-a]indol-2(3H)-yl}-1-methyl-1H-indole-3-carboxylic acid' 'C39 H39 Cl2 N5 O4'
#
# COMPACT_ATOMS: atom_id res chain seq x y z
N ASP A 3 -11.67 -5.94 -5.85
CA ASP A 3 -11.51 -7.13 -5.04
C ASP A 3 -10.32 -7.94 -5.53
N GLU A 4 -10.17 -7.98 -6.85
CA GLU A 4 -9.22 -8.85 -7.53
C GLU A 4 -7.88 -8.16 -7.78
N LEU A 5 -7.88 -6.86 -8.05
CA LEU A 5 -6.61 -6.13 -8.20
C LEU A 5 -5.79 -6.14 -6.90
N TYR A 6 -6.46 -6.07 -5.75
CA TYR A 6 -5.77 -6.20 -4.48
C TYR A 6 -5.17 -7.60 -4.35
N ARG A 7 -5.92 -8.62 -4.77
CA ARG A 7 -5.42 -9.99 -4.73
C ARG A 7 -4.17 -10.13 -5.59
N GLN A 8 -4.19 -9.58 -6.80
CA GLN A 8 -3.03 -9.62 -7.69
C GLN A 8 -1.81 -8.96 -7.05
N SER A 9 -1.98 -7.70 -6.63
CA SER A 9 -0.86 -6.97 -6.03
C SER A 9 -0.30 -7.71 -4.81
N LEU A 10 -1.18 -8.12 -3.91
CA LEU A 10 -0.76 -8.87 -2.72
C LEU A 10 0.02 -10.12 -3.10
N GLU A 11 -0.49 -10.87 -4.08
CA GLU A 11 0.21 -12.06 -4.55
C GLU A 11 1.64 -11.72 -4.96
N ILE A 12 1.79 -10.70 -5.81
CA ILE A 12 3.12 -10.33 -6.29
C ILE A 12 4.03 -9.97 -5.13
N ILE A 13 3.54 -9.10 -4.25
CA ILE A 13 4.39 -8.60 -3.17
C ILE A 13 4.80 -9.73 -2.23
N SER A 14 3.83 -10.55 -1.80
CA SER A 14 4.17 -11.68 -0.94
C SER A 14 5.22 -12.57 -1.58
N ARG A 15 5.04 -12.90 -2.87
CA ARG A 15 6.01 -13.76 -3.54
C ARG A 15 7.39 -13.13 -3.59
N TYR A 16 7.45 -11.86 -3.95
CA TYR A 16 8.74 -11.18 -4.05
C TYR A 16 9.42 -11.11 -2.69
N LEU A 17 8.67 -10.73 -1.66
CA LEU A 17 9.23 -10.61 -0.32
C LEU A 17 9.76 -11.94 0.19
N ARG A 18 8.99 -13.02 0.01
CA ARG A 18 9.45 -14.33 0.42
C ARG A 18 10.71 -14.75 -0.34
N GLU A 19 10.69 -14.60 -1.66
CA GLU A 19 11.80 -15.10 -2.46
C GLU A 19 13.04 -14.22 -2.35
N GLN A 20 12.88 -12.97 -1.91
CA GLN A 20 14.03 -12.16 -1.54
C GLN A 20 14.59 -12.59 -0.19
N ALA A 21 13.70 -12.90 0.75
CA ALA A 21 14.13 -13.32 2.08
C ALA A 21 14.86 -14.65 2.06
N THR A 22 14.47 -15.56 1.16
CA THR A 22 14.96 -16.93 1.25
C THR A 22 15.92 -17.35 0.14
N GLY A 23 16.07 -16.57 -0.93
CA GLY A 23 16.91 -16.99 -2.02
C GLY A 23 16.34 -18.03 -2.96
N ALA A 24 15.14 -18.54 -2.68
CA ALA A 24 14.45 -19.49 -3.54
C ALA A 24 13.53 -18.76 -4.52
N LYS A 25 13.00 -19.52 -5.48
CA LYS A 25 12.21 -18.96 -6.57
C LYS A 25 10.79 -19.54 -6.61
N ASP A 26 10.21 -19.86 -5.44
CA ASP A 26 8.90 -20.48 -5.32
C ASP A 26 8.88 -21.89 -5.91
N THR A 27 7.92 -22.71 -5.51
CA THR A 27 7.78 -24.06 -6.05
C THR A 27 6.61 -24.21 -7.00
N LYS A 28 5.90 -23.12 -7.29
CA LYS A 28 4.80 -23.19 -8.25
C LYS A 28 4.74 -21.88 -9.02
N PRO A 29 3.90 -21.79 -10.05
CA PRO A 29 3.67 -20.47 -10.67
C PRO A 29 2.76 -19.61 -9.83
N MET A 30 2.07 -18.69 -10.46
CA MET A 30 1.19 -17.75 -9.77
C MET A 30 -0.27 -18.18 -9.87
N GLY A 31 -1.10 -17.52 -9.06
CA GLY A 31 -2.52 -17.80 -8.98
C GLY A 31 -3.25 -17.18 -10.14
N ARG A 32 -4.51 -16.79 -9.91
CA ARG A 32 -5.31 -16.19 -10.96
C ARG A 32 -4.68 -14.88 -11.44
N SER A 33 -4.76 -14.64 -12.75
CA SER A 33 -4.05 -13.55 -13.40
C SER A 33 -2.54 -13.69 -13.23
N GLY A 34 -2.03 -14.87 -13.57
CA GLY A 34 -0.68 -15.25 -13.14
C GLY A 34 0.46 -14.73 -13.99
N ALA A 35 0.24 -14.53 -15.30
CA ALA A 35 1.34 -14.17 -16.19
C ALA A 35 1.74 -12.70 -16.05
N THR A 36 0.75 -11.80 -16.05
CA THR A 36 1.02 -10.40 -15.75
C THR A 36 1.72 -10.27 -14.40
N SER A 37 1.27 -11.04 -13.41
CA SER A 37 1.90 -11.03 -12.10
C SER A 37 3.34 -11.53 -12.19
N ARG A 38 3.61 -12.51 -13.04
CA ARG A 38 4.98 -13.01 -13.22
C ARG A 38 5.88 -11.94 -13.83
N LYS A 39 5.42 -11.27 -14.88
CA LYS A 39 6.22 -10.21 -15.49
C LYS A 39 6.49 -9.10 -14.48
N ALA A 40 5.48 -8.74 -13.68
CA ALA A 40 5.69 -7.81 -12.59
C ALA A 40 6.77 -8.30 -11.61
N LEU A 41 6.73 -9.59 -11.26
CA LEU A 41 7.69 -10.13 -10.31
C LEU A 41 9.12 -10.11 -10.84
N GLU A 42 9.30 -10.36 -12.14
CA GLU A 42 10.64 -10.31 -12.70
C GLU A 42 11.15 -8.88 -12.84
N THR A 43 10.27 -7.95 -13.26
CA THR A 43 10.62 -6.54 -13.14
C THR A 43 11.11 -6.25 -11.73
N LEU A 44 10.36 -6.67 -10.71
CA LEU A 44 10.78 -6.47 -9.33
C LEU A 44 12.15 -7.07 -9.07
N ARG A 45 12.37 -8.30 -9.55
CA ARG A 45 13.67 -8.97 -9.37
C ARG A 45 14.81 -8.07 -9.79
N ARG A 46 14.72 -7.48 -10.97
CA ARG A 46 15.80 -6.60 -11.42
C ARG A 46 15.85 -5.31 -10.59
N VAL A 47 14.74 -4.55 -10.60
CA VAL A 47 14.81 -3.17 -10.16
C VAL A 47 14.92 -3.07 -8.64
N GLY A 48 14.23 -3.95 -7.91
CA GLY A 48 14.32 -3.93 -6.46
C GLY A 48 15.73 -4.13 -5.93
N ASP A 49 16.43 -5.13 -6.43
CA ASP A 49 17.80 -5.33 -5.97
C ASP A 49 18.67 -4.14 -6.33
N GLY A 50 18.48 -3.56 -7.52
CA GLY A 50 19.27 -2.37 -7.84
C GLY A 50 19.05 -1.23 -6.86
N VAL A 51 17.78 -0.87 -6.63
CA VAL A 51 17.50 0.27 -5.75
C VAL A 51 17.87 -0.04 -4.30
N GLN A 52 17.68 -1.27 -3.85
CA GLN A 52 18.13 -1.62 -2.51
C GLN A 52 19.63 -1.43 -2.36
N ARG A 53 20.40 -1.78 -3.40
CA ARG A 53 21.83 -1.51 -3.33
C ARG A 53 22.11 -0.03 -3.22
N ASN A 54 21.39 0.78 -4.01
CA ASN A 54 21.58 2.23 -3.94
C ASN A 54 21.23 2.80 -2.57
N HIS A 55 20.18 2.30 -1.93
CA HIS A 55 19.72 2.87 -0.66
C HIS A 55 20.06 1.95 0.50
N GLU A 56 21.18 1.21 0.41
CA GLU A 56 21.59 0.35 1.51
C GLU A 56 21.76 1.12 2.81
N THR A 57 22.41 2.29 2.73
CA THR A 57 22.69 3.06 3.93
C THR A 57 21.43 3.49 4.65
N ALA A 58 20.56 4.23 3.94
CA ALA A 58 19.33 4.73 4.57
C ALA A 58 18.46 3.59 5.05
N PHE A 59 18.32 2.54 4.24
CA PHE A 59 17.50 1.40 4.63
C PHE A 59 18.05 0.70 5.87
N GLN A 60 19.38 0.54 5.93
CA GLN A 60 20.00 -0.19 7.03
C GLN A 60 19.95 0.60 8.32
N GLY A 61 20.18 1.92 8.24
CA GLY A 61 19.98 2.78 9.39
C GLY A 61 18.53 2.81 9.85
N MET A 62 17.59 2.84 8.90
CA MET A 62 16.18 2.83 9.29
C MET A 62 15.84 1.53 9.98
N LEU A 63 16.32 0.41 9.45
CA LEU A 63 16.10 -0.86 10.11
C LEU A 63 16.70 -0.86 11.50
N ARG A 64 17.90 -0.29 11.64
CA ARG A 64 18.52 -0.12 12.95
C ARG A 64 17.59 0.61 13.90
N LYS A 65 16.88 1.61 13.41
CA LYS A 65 15.86 2.27 14.23
C LYS A 65 14.69 1.34 14.51
N LEU A 66 14.13 0.72 13.46
CA LEU A 66 12.77 0.22 13.47
C LEU A 66 12.45 -0.70 14.64
N ASP A 67 13.46 -1.38 15.21
CA ASP A 67 13.30 -2.15 16.45
C ASP A 67 12.14 -3.14 16.34
N ILE A 68 12.25 -4.02 15.34
CA ILE A 68 11.21 -4.99 15.01
C ILE A 68 11.56 -6.32 15.67
N LYS A 69 10.59 -6.90 16.39
CA LYS A 69 10.79 -8.14 17.14
C LYS A 69 9.81 -9.23 16.77
N ASN A 70 8.56 -8.87 16.47
CA ASN A 70 7.48 -9.85 16.33
C ASN A 70 6.41 -9.27 15.40
N GLU A 71 5.29 -9.99 15.30
CA GLU A 71 4.17 -9.57 14.46
C GLU A 71 3.47 -8.34 14.99
N ASP A 72 3.49 -8.14 16.31
CA ASP A 72 2.93 -6.92 16.89
C ASP A 72 3.66 -5.70 16.35
N ASP A 73 4.97 -5.82 16.16
CA ASP A 73 5.73 -4.78 15.50
C ASP A 73 5.22 -4.56 14.09
N VAL A 74 4.81 -5.64 13.41
CA VAL A 74 4.27 -5.50 12.07
C VAL A 74 3.01 -4.66 12.10
N LYS A 75 2.10 -4.95 13.04
CA LYS A 75 0.91 -4.11 13.14
C LYS A 75 1.23 -2.67 13.54
N SER A 76 2.37 -2.41 14.17
CA SER A 76 2.69 -1.04 14.55
C SER A 76 3.60 -0.30 13.56
N LEU A 77 4.10 -0.96 12.51
CA LEU A 77 4.97 -0.32 11.53
C LEU A 77 4.22 0.31 10.36
N SER A 78 3.00 -0.14 10.11
CA SER A 78 2.25 0.34 8.96
C SER A 78 2.14 1.86 8.98
N ARG A 79 2.05 2.46 10.18
CA ARG A 79 1.87 3.91 10.26
C ARG A 79 3.12 4.66 9.85
N VAL A 80 4.30 4.13 10.16
CA VAL A 80 5.53 4.73 9.67
C VAL A 80 5.64 4.55 8.16
N MET A 81 5.24 3.37 7.67
CA MET A 81 5.22 3.15 6.23
C MET A 81 4.30 4.13 5.53
N ILE A 82 3.11 4.35 6.09
CA ILE A 82 2.16 5.31 5.53
C ILE A 82 2.75 6.71 5.54
N HIS A 83 3.36 7.13 6.67
CA HIS A 83 3.93 8.47 6.74
C HIS A 83 4.97 8.66 5.65
N VAL A 84 5.91 7.71 5.53
CA VAL A 84 6.95 7.82 4.52
C VAL A 84 6.37 7.77 3.10
N PHE A 85 5.26 7.07 2.91
CA PHE A 85 4.73 6.89 1.55
C PHE A 85 3.60 7.86 1.25
N SER A 86 2.79 8.19 2.28
CA SER A 86 1.93 9.37 2.38
C SER A 86 1.27 9.82 1.08
N ASP A 87 1.38 11.12 0.79
CA ASP A 87 0.82 11.72 -0.40
C ASP A 87 1.83 12.72 -0.95
N GLY A 88 1.57 13.19 -2.16
CA GLY A 88 2.48 14.09 -2.84
C GLY A 88 2.76 13.65 -4.26
N VAL A 89 4.01 13.24 -4.52
CA VAL A 89 4.40 12.77 -5.84
C VAL A 89 4.11 11.28 -5.91
N THR A 90 3.33 10.89 -6.91
CA THR A 90 2.98 9.50 -7.15
C THR A 90 3.60 9.04 -8.47
N ASN A 91 4.32 7.93 -8.44
CA ASN A 91 4.95 7.37 -9.62
C ASN A 91 5.46 5.97 -9.28
N TRP A 92 5.85 5.24 -10.32
CA TRP A 92 6.24 3.85 -10.15
C TRP A 92 7.53 3.70 -9.36
N GLY A 93 8.46 4.65 -9.47
CA GLY A 93 9.73 4.51 -8.77
C GLY A 93 9.57 4.47 -7.26
N ARG A 94 8.75 5.38 -6.72
CA ARG A 94 8.44 5.37 -5.29
C ARG A 94 7.74 4.09 -4.87
N ILE A 95 6.89 3.55 -5.75
CA ILE A 95 6.18 2.31 -5.43
C ILE A 95 7.16 1.15 -5.32
N VAL A 96 8.06 1.02 -6.30
CA VAL A 96 9.03 -0.06 -6.22
C VAL A 96 9.92 0.13 -5.02
N THR A 97 10.13 1.37 -4.59
CA THR A 97 10.95 1.63 -3.42
C THR A 97 10.24 1.18 -2.14
N LEU A 98 8.94 1.48 -2.02
CA LEU A 98 8.09 0.89 -0.99
C LEU A 98 8.28 -0.62 -0.91
N ILE A 99 8.01 -1.30 -2.03
CA ILE A 99 8.04 -2.76 -2.06
C ILE A 99 9.45 -3.27 -1.79
N SER A 100 10.47 -2.53 -2.23
CA SER A 100 11.85 -2.95 -2.03
C SER A 100 12.25 -2.87 -0.57
N PHE A 101 11.77 -1.85 0.14
CA PHE A 101 12.04 -1.83 1.57
C PHE A 101 11.29 -2.94 2.28
N GLY A 102 10.09 -3.26 1.80
CA GLY A 102 9.42 -4.46 2.29
C GLY A 102 10.25 -5.71 2.10
N ALA A 103 10.96 -5.81 0.97
CA ALA A 103 11.78 -6.98 0.69
C ALA A 103 12.97 -7.07 1.64
N PHE A 104 13.67 -5.96 1.85
CA PHE A 104 14.74 -5.96 2.84
C PHE A 104 14.22 -6.33 4.23
N VAL A 105 13.07 -5.78 4.63
CA VAL A 105 12.47 -6.13 5.91
C VAL A 105 12.17 -7.62 5.99
N ALA A 106 11.71 -8.21 4.88
CA ALA A 106 11.40 -9.63 4.89
C ALA A 106 12.64 -10.49 5.04
N LYS A 107 13.71 -10.13 4.31
CA LYS A 107 15.01 -10.78 4.52
C LYS A 107 15.38 -10.77 5.99
N HIS A 108 15.38 -9.58 6.59
CA HIS A 108 15.78 -9.45 7.99
C HIS A 108 14.92 -10.35 8.87
N LEU A 109 13.59 -10.33 8.66
CA LEU A 109 12.70 -11.11 9.52
C LEU A 109 13.03 -12.58 9.45
N LYS A 110 13.32 -13.10 8.25
CA LYS A 110 13.76 -14.49 8.17
C LYS A 110 15.04 -14.71 8.96
N THR A 111 15.95 -13.73 8.91
CA THR A 111 17.23 -13.87 9.60
C THR A 111 17.04 -14.03 11.11
N ILE A 112 16.08 -13.32 11.69
CA ILE A 112 15.83 -13.35 13.13
C ILE A 112 14.82 -14.45 13.44
N ASN A 113 14.73 -15.43 12.55
CA ASN A 113 13.78 -16.53 12.63
C ASN A 113 12.32 -16.11 12.76
N GLN A 114 12.05 -14.81 12.89
CA GLN A 114 10.68 -14.33 12.81
C GLN A 114 10.20 -14.25 11.37
N GLU A 115 10.34 -15.35 10.64
CA GLU A 115 9.94 -15.39 9.24
C GLU A 115 8.43 -15.23 9.10
N SER A 116 7.68 -15.65 10.12
CA SER A 116 6.23 -15.58 10.11
C SER A 116 5.68 -14.18 9.95
N CYS A 117 6.50 -13.16 10.22
CA CYS A 117 6.04 -11.78 10.10
C CYS A 117 6.13 -11.25 8.69
N ILE A 118 6.79 -11.98 7.79
CA ILE A 118 6.85 -11.57 6.39
C ILE A 118 5.44 -11.49 5.81
N GLU A 119 4.55 -12.39 6.24
CA GLU A 119 3.24 -12.45 5.62
C GLU A 119 2.35 -11.26 5.96
N PRO A 120 2.19 -10.89 7.24
CA PRO A 120 1.43 -9.65 7.50
C PRO A 120 2.07 -8.42 6.89
N LEU A 121 3.40 -8.35 6.88
CA LEU A 121 4.09 -7.22 6.28
C LEU A 121 3.59 -6.93 4.87
N ALA A 122 3.65 -7.95 4.00
CA ALA A 122 3.18 -7.78 2.63
C ALA A 122 1.77 -7.23 2.60
N GLU A 123 0.87 -7.82 3.40
CA GLU A 123 -0.50 -7.36 3.46
C GLU A 123 -0.53 -5.88 3.80
N SER A 124 0.16 -5.49 4.88
CA SER A 124 0.21 -4.09 5.26
C SER A 124 0.68 -3.26 4.08
N ILE A 125 1.78 -3.66 3.46
CA ILE A 125 2.27 -2.93 2.31
C ILE A 125 1.15 -2.83 1.30
N THR A 126 0.59 -3.99 0.96
CA THR A 126 -0.44 -4.05 -0.06
C THR A 126 -1.66 -3.23 0.35
N ASP A 127 -2.05 -3.32 1.62
CA ASP A 127 -3.17 -2.50 2.07
C ASP A 127 -2.88 -1.04 1.78
N VAL A 128 -1.74 -0.55 2.29
CA VAL A 128 -1.39 0.86 2.14
C VAL A 128 -1.26 1.20 0.67
N LEU A 129 -0.93 0.20 -0.14
CA LEU A 129 -0.69 0.47 -1.55
C LEU A 129 -2.00 0.74 -2.29
N VAL A 130 -3.06 0.02 -1.95
CA VAL A 130 -4.30 0.19 -2.69
C VAL A 130 -5.13 1.33 -2.12
N ARG A 131 -5.36 1.34 -0.80
CA ARG A 131 -6.19 2.32 -0.11
C ARG A 131 -5.80 3.74 -0.48
N THR A 132 -4.53 3.94 -0.79
CA THR A 132 -3.95 5.25 -1.03
C THR A 132 -3.81 5.59 -2.51
N LYS A 133 -3.79 4.60 -3.42
CA LYS A 133 -3.51 4.87 -4.83
C LYS A 133 -4.53 4.24 -5.77
N ARG A 134 -5.63 3.70 -5.25
CA ARG A 134 -6.54 2.85 -6.01
C ARG A 134 -6.93 3.45 -7.36
N ASP A 135 -7.54 4.64 -7.34
CA ASP A 135 -7.99 5.26 -8.58
C ASP A 135 -6.84 5.36 -9.58
N TRP A 136 -5.69 5.84 -9.11
CA TRP A 136 -4.54 6.00 -9.99
C TRP A 136 -4.12 4.67 -10.58
N LEU A 137 -4.15 3.62 -9.77
CA LEU A 137 -3.77 2.31 -10.28
C LEU A 137 -4.64 1.87 -11.43
N VAL A 138 -5.94 2.17 -11.38
CA VAL A 138 -6.79 1.76 -12.50
C VAL A 138 -6.50 2.63 -13.71
N LYS A 139 -6.18 3.90 -13.48
CA LYS A 139 -5.74 4.77 -14.56
C LYS A 139 -4.43 4.30 -15.17
N GLN A 140 -3.73 3.40 -14.50
CA GLN A 140 -2.55 2.74 -15.04
C GLN A 140 -2.84 1.33 -15.48
N ARG A 141 -4.12 0.98 -15.60
CA ARG A 141 -4.59 -0.39 -15.81
C ARG A 141 -3.79 -1.36 -14.94
N GLY A 142 -3.63 -0.99 -13.67
CA GLY A 142 -2.95 -1.83 -12.71
C GLY A 142 -1.50 -2.09 -13.07
N TRP A 143 -1.10 -3.34 -12.83
CA TRP A 143 0.29 -3.74 -12.99
C TRP A 143 0.76 -3.63 -14.42
N ASP A 144 -0.17 -3.56 -15.38
CA ASP A 144 0.21 -3.33 -16.77
C ASP A 144 1.01 -2.06 -16.92
N GLY A 145 0.56 -0.97 -16.28
CA GLY A 145 1.36 0.24 -16.28
C GLY A 145 2.74 0.03 -15.72
N PHE A 146 2.85 -0.85 -14.73
CA PHE A 146 4.09 -1.22 -14.06
C PHE A 146 5.09 -1.83 -15.03
N VAL A 147 4.76 -3.00 -15.56
CA VAL A 147 5.70 -3.75 -16.41
C VAL A 147 6.09 -2.93 -17.62
N GLU A 148 5.10 -2.36 -18.32
CA GLU A 148 5.40 -1.58 -19.51
C GLU A 148 6.32 -0.41 -19.19
N PHE A 149 6.18 0.16 -17.99
CA PHE A 149 7.01 1.29 -17.60
C PHE A 149 8.48 0.91 -17.47
N PHE A 150 8.77 -0.34 -17.10
CA PHE A 150 10.11 -0.71 -16.66
C PHE A 150 10.86 -1.56 -17.68
N HIS A 151 10.59 -1.38 -18.96
CA HIS A 151 11.26 -2.22 -19.95
C HIS A 151 12.49 -1.52 -20.54
N ASP B 3 -1.90 29.84 -24.38
CA ASP B 3 -1.48 30.94 -23.52
C ASP B 3 0.01 30.86 -23.23
N GLU B 4 0.34 30.15 -22.15
CA GLU B 4 1.70 29.96 -21.70
C GLU B 4 2.15 28.50 -21.75
N LEU B 5 1.22 27.57 -21.50
CA LEU B 5 1.55 26.16 -21.63
C LEU B 5 1.96 25.82 -23.05
N TYR B 6 1.43 26.56 -24.04
CA TYR B 6 1.88 26.39 -25.41
C TYR B 6 3.37 26.66 -25.53
N ARG B 7 3.83 27.79 -24.97
CA ARG B 7 5.25 28.13 -25.10
C ARG B 7 6.12 27.12 -24.39
N GLN B 8 5.77 26.76 -23.16
CA GLN B 8 6.57 25.81 -22.39
C GLN B 8 6.67 24.47 -23.13
N SER B 9 5.52 23.88 -23.45
CA SER B 9 5.52 22.59 -24.13
C SER B 9 6.26 22.66 -25.44
N LEU B 10 5.91 23.61 -26.31
CA LEU B 10 6.58 23.75 -27.60
C LEU B 10 8.07 23.91 -27.44
N GLU B 11 8.52 24.74 -26.50
CA GLU B 11 9.95 24.90 -26.29
C GLU B 11 10.58 23.53 -26.07
N ILE B 12 9.99 22.75 -25.15
CA ILE B 12 10.52 21.42 -24.84
C ILE B 12 10.52 20.56 -26.09
N ILE B 13 9.38 20.49 -26.75
CA ILE B 13 9.15 19.58 -27.87
C ILE B 13 10.07 19.92 -29.04
N SER B 14 10.06 21.19 -29.44
CA SER B 14 10.93 21.64 -30.52
C SER B 14 12.39 21.38 -30.21
N ARG B 15 12.86 21.71 -29.01
CA ARG B 15 14.27 21.48 -28.70
C ARG B 15 14.61 20.00 -28.80
N TYR B 16 13.75 19.14 -28.26
CA TYR B 16 14.01 17.71 -28.33
C TYR B 16 14.05 17.24 -29.78
N LEU B 17 13.05 17.65 -30.57
CA LEU B 17 12.97 17.25 -31.96
C LEU B 17 14.17 17.74 -32.76
N ARG B 18 14.59 18.99 -32.53
CA ARG B 18 15.74 19.56 -33.24
C ARG B 18 17.02 18.78 -32.92
N GLU B 19 17.34 18.67 -31.64
CA GLU B 19 18.61 18.11 -31.24
C GLU B 19 18.65 16.59 -31.33
N GLN B 20 17.51 15.92 -31.51
CA GLN B 20 17.53 14.50 -31.86
C GLN B 20 17.39 14.26 -33.35
N ALA B 21 16.93 15.25 -34.10
CA ALA B 21 17.05 15.23 -35.55
C ALA B 21 18.50 15.36 -35.96
N THR B 22 19.31 16.06 -35.17
CA THR B 22 20.68 16.34 -35.57
C THR B 22 21.72 15.57 -34.76
N GLY B 23 21.32 14.92 -33.66
CA GLY B 23 22.21 14.19 -32.80
C GLY B 23 23.12 15.01 -31.91
N ALA B 24 23.21 16.32 -32.14
CA ALA B 24 23.94 17.19 -31.23
C ALA B 24 22.95 17.78 -30.24
N LYS B 25 23.47 18.34 -29.16
CA LYS B 25 22.64 18.78 -28.04
C LYS B 25 22.82 20.28 -27.84
N ASP B 26 21.71 21.01 -27.70
CA ASP B 26 21.74 22.46 -27.53
C ASP B 26 21.01 22.89 -26.27
N PRO B 29 19.87 28.89 -23.18
CA PRO B 29 19.12 28.74 -21.92
C PRO B 29 17.61 28.72 -22.13
N MET B 30 16.89 28.12 -21.19
CA MET B 30 15.45 27.95 -21.26
C MET B 30 14.69 28.96 -20.39
N GLY B 31 13.38 29.01 -20.62
CA GLY B 31 12.48 29.92 -19.93
C GLY B 31 12.06 29.45 -18.55
N ARG B 32 10.86 29.85 -18.15
CA ARG B 32 10.33 29.49 -16.84
C ARG B 32 10.14 27.98 -16.71
N SER B 33 10.23 27.50 -15.47
CA SER B 33 10.29 26.07 -15.17
C SER B 33 11.42 25.41 -15.94
N GLY B 34 12.57 26.09 -15.98
CA GLY B 34 13.67 25.68 -16.83
C GLY B 34 14.37 24.40 -16.41
N ALA B 35 14.48 24.17 -15.09
CA ALA B 35 15.02 22.90 -14.61
C ALA B 35 14.13 21.73 -15.01
N THR B 36 12.81 21.91 -14.84
CA THR B 36 11.86 20.93 -15.33
C THR B 36 12.06 20.66 -16.82
N SER B 37 12.28 21.71 -17.61
CA SER B 37 12.52 21.51 -19.03
C SER B 37 13.81 20.75 -19.29
N ARG B 38 14.86 21.02 -18.51
CA ARG B 38 16.11 20.28 -18.68
C ARG B 38 15.88 18.79 -18.46
N LYS B 39 15.34 18.42 -17.29
CA LYS B 39 15.20 17.01 -17.01
C LYS B 39 14.14 16.36 -17.89
N ALA B 40 13.06 17.08 -18.21
CA ALA B 40 12.10 16.59 -19.19
C ALA B 40 12.77 16.28 -20.52
N LEU B 41 13.70 17.12 -20.96
CA LEU B 41 14.40 16.84 -22.21
C LEU B 41 15.24 15.57 -22.06
N GLU B 42 15.86 15.38 -20.89
CA GLU B 42 16.54 14.11 -20.64
C GLU B 42 15.56 12.94 -20.67
N THR B 43 14.37 13.13 -20.11
CA THR B 43 13.34 12.11 -20.10
C THR B 43 12.97 11.72 -21.52
N LEU B 44 12.73 12.72 -22.37
CA LEU B 44 12.46 12.45 -23.77
C LEU B 44 13.61 11.68 -24.40
N ARG B 45 14.85 12.10 -24.14
CA ARG B 45 15.98 11.33 -24.65
C ARG B 45 15.82 9.85 -24.32
N ARG B 46 15.91 9.51 -23.04
CA ARG B 46 15.83 8.11 -22.60
C ARG B 46 14.57 7.40 -23.12
N VAL B 47 13.43 7.78 -22.56
CA VAL B 47 12.21 7.01 -22.80
C VAL B 47 11.72 7.16 -24.22
N GLY B 48 11.84 8.35 -24.81
CA GLY B 48 11.44 8.52 -26.20
C GLY B 48 12.21 7.62 -27.16
N ASP B 49 13.53 7.55 -27.02
CA ASP B 49 14.24 6.63 -27.89
C ASP B 49 13.84 5.18 -27.61
N GLY B 50 13.53 4.85 -26.35
CA GLY B 50 12.94 3.53 -26.10
C GLY B 50 11.64 3.32 -26.85
N VAL B 51 10.76 4.33 -26.85
CA VAL B 51 9.45 4.20 -27.47
C VAL B 51 9.60 4.04 -28.98
N GLN B 52 10.54 4.78 -29.58
CA GLN B 52 10.87 4.58 -30.98
C GLN B 52 11.38 3.16 -31.23
N ARG B 53 12.18 2.64 -30.30
CA ARG B 53 12.63 1.26 -30.41
C ARG B 53 11.46 0.28 -30.39
N ASN B 54 10.35 0.63 -29.73
CA ASN B 54 9.26 -0.33 -29.57
C ASN B 54 8.47 -0.53 -30.87
N HIS B 55 8.08 0.55 -31.52
CA HIS B 55 7.18 0.47 -32.66
C HIS B 55 7.75 0.91 -34.00
N GLU B 56 8.94 0.43 -34.33
CA GLU B 56 9.53 0.75 -35.62
C GLU B 56 8.57 0.44 -36.77
N THR B 57 7.98 -0.76 -36.74
CA THR B 57 7.16 -1.23 -37.87
C THR B 57 5.98 -0.31 -38.15
N ALA B 58 5.12 -0.12 -37.15
CA ALA B 58 3.95 0.73 -37.33
C ALA B 58 4.33 2.16 -37.71
N PHE B 59 5.38 2.69 -37.08
CA PHE B 59 5.82 4.05 -37.41
C PHE B 59 6.24 4.17 -38.87
N GLN B 60 6.96 3.16 -39.39
CA GLN B 60 7.33 3.18 -40.80
C GLN B 60 6.12 3.10 -41.70
N GLY B 61 5.18 2.20 -41.36
CA GLY B 61 3.97 2.11 -42.14
C GLY B 61 3.23 3.42 -42.21
N MET B 62 3.17 4.13 -41.08
CA MET B 62 2.53 5.45 -41.05
C MET B 62 3.31 6.46 -41.88
N LEU B 63 4.63 6.49 -41.74
CA LEU B 63 5.44 7.43 -42.51
C LEU B 63 5.30 7.19 -44.02
N ARG B 64 5.25 5.92 -44.43
CA ARG B 64 5.10 5.60 -45.85
C ARG B 64 3.70 5.94 -46.34
N LYS B 65 2.69 5.66 -45.52
CA LYS B 65 1.33 6.07 -45.86
C LYS B 65 1.23 7.57 -46.00
N LEU B 66 1.90 8.32 -45.11
CA LEU B 66 1.72 9.76 -45.04
C LEU B 66 2.40 10.50 -46.19
N ASP B 67 3.51 9.96 -46.70
CA ASP B 67 4.16 10.47 -47.92
C ASP B 67 4.35 11.98 -47.81
N ILE B 68 5.09 12.41 -46.78
CA ILE B 68 5.25 13.83 -46.52
C ILE B 68 6.42 14.34 -47.33
N LYS B 69 6.22 15.43 -48.04
CA LYS B 69 7.23 15.95 -48.96
C LYS B 69 7.60 17.40 -48.70
N ASN B 70 6.68 18.22 -48.18
CA ASN B 70 6.92 19.66 -48.12
C ASN B 70 6.18 20.24 -46.92
N GLU B 71 6.20 21.57 -46.81
CA GLU B 71 5.57 22.25 -45.69
C GLU B 71 4.05 22.20 -45.77
N ASP B 72 3.50 22.24 -46.98
CA ASP B 72 2.05 22.10 -47.12
C ASP B 72 1.57 20.74 -46.63
N ASP B 73 2.37 19.69 -46.90
CA ASP B 73 2.08 18.38 -46.35
C ASP B 73 2.09 18.42 -44.83
N VAL B 74 3.04 19.16 -44.25
CA VAL B 74 3.14 19.26 -42.80
C VAL B 74 1.89 19.92 -42.23
N LYS B 75 1.47 21.04 -42.85
CA LYS B 75 0.24 21.67 -42.40
C LYS B 75 -0.98 20.80 -42.63
N SER B 76 -0.83 19.72 -43.40
CA SER B 76 -1.91 18.78 -43.65
C SER B 76 -1.87 17.56 -42.72
N LEU B 77 -0.90 17.49 -41.81
CA LEU B 77 -0.77 16.34 -40.91
C LEU B 77 -1.65 16.45 -39.67
N SER B 78 -2.09 17.66 -39.35
CA SER B 78 -2.80 17.89 -38.09
C SER B 78 -4.02 16.99 -37.95
N ARG B 79 -4.80 16.79 -39.02
CA ARG B 79 -6.07 16.09 -38.84
C ARG B 79 -5.88 14.59 -38.58
N VAL B 80 -4.92 13.96 -39.24
CA VAL B 80 -4.67 12.55 -38.95
C VAL B 80 -4.01 12.40 -37.58
N MET B 81 -3.11 13.32 -37.23
CA MET B 81 -2.51 13.31 -35.89
C MET B 81 -3.58 13.46 -34.81
N ILE B 82 -4.50 14.39 -35.00
CA ILE B 82 -5.61 14.59 -34.07
C ILE B 82 -6.43 13.33 -33.95
N HIS B 83 -6.79 12.73 -35.09
CA HIS B 83 -7.62 11.53 -35.09
C HIS B 83 -6.97 10.42 -34.29
N VAL B 84 -5.73 10.09 -34.63
CA VAL B 84 -5.04 9.00 -33.96
C VAL B 84 -4.79 9.32 -32.49
N PHE B 85 -4.68 10.60 -32.12
CA PHE B 85 -4.25 10.97 -30.77
C PHE B 85 -5.40 11.26 -29.81
N SER B 86 -6.37 12.08 -30.18
CA SER B 86 -7.26 12.66 -29.19
C SER B 86 -8.24 11.66 -28.59
N ASP B 87 -9.28 11.31 -29.34
CA ASP B 87 -10.42 10.57 -28.80
C ASP B 87 -10.00 9.24 -28.19
N GLY B 88 -10.21 9.10 -26.88
CA GLY B 88 -9.84 7.95 -26.09
C GLY B 88 -9.29 8.38 -24.76
N VAL B 89 -8.51 7.51 -24.16
CA VAL B 89 -7.87 7.77 -22.88
C VAL B 89 -6.72 8.74 -23.09
N THR B 90 -6.50 9.62 -22.12
CA THR B 90 -5.35 10.50 -22.12
C THR B 90 -4.38 10.02 -21.03
N ASN B 91 -3.09 10.15 -21.31
CA ASN B 91 -2.04 9.72 -20.38
C ASN B 91 -0.70 10.19 -20.90
N TRP B 92 0.32 10.07 -20.05
CA TRP B 92 1.66 10.50 -20.43
C TRP B 92 2.25 9.61 -21.49
N GLY B 93 1.92 8.31 -21.47
CA GLY B 93 2.47 7.39 -22.47
C GLY B 93 2.01 7.71 -23.87
N ARG B 94 0.72 8.01 -24.04
CA ARG B 94 0.22 8.43 -25.35
C ARG B 94 0.90 9.72 -25.79
N ILE B 95 1.20 10.61 -24.85
CA ILE B 95 1.90 11.86 -25.18
C ILE B 95 3.32 11.58 -25.66
N VAL B 96 4.06 10.72 -24.94
CA VAL B 96 5.41 10.42 -25.36
C VAL B 96 5.37 9.72 -26.71
N THR B 97 4.31 8.96 -26.98
CA THR B 97 4.17 8.27 -28.27
C THR B 97 3.92 9.27 -29.39
N LEU B 98 3.06 10.24 -29.13
CA LEU B 98 2.87 11.41 -29.98
C LEU B 98 4.20 12.03 -30.36
N ILE B 99 4.95 12.46 -29.35
CA ILE B 99 6.22 13.17 -29.57
C ILE B 99 7.24 12.24 -30.22
N SER B 100 7.19 10.96 -29.90
CA SER B 100 8.14 10.00 -30.45
C SER B 100 7.94 9.82 -31.95
N PHE B 101 6.68 9.78 -32.39
CA PHE B 101 6.49 9.74 -33.84
C PHE B 101 6.81 11.08 -34.47
N GLY B 102 6.58 12.19 -33.78
CA GLY B 102 7.08 13.45 -34.27
C GLY B 102 8.57 13.41 -34.54
N ALA B 103 9.32 12.77 -33.65
CA ALA B 103 10.76 12.62 -33.84
C ALA B 103 11.08 11.70 -35.01
N PHE B 104 10.34 10.61 -35.15
CA PHE B 104 10.50 9.71 -36.30
C PHE B 104 10.33 10.50 -37.60
N VAL B 105 9.27 11.32 -37.66
CA VAL B 105 9.04 12.20 -38.79
C VAL B 105 10.18 13.20 -38.95
N ALA B 106 10.77 13.64 -37.85
CA ALA B 106 11.88 14.60 -37.92
C ALA B 106 13.13 13.98 -38.56
N LYS B 107 13.49 12.75 -38.16
CA LYS B 107 14.58 12.07 -38.85
C LYS B 107 14.27 11.90 -40.33
N HIS B 108 13.03 11.53 -40.64
CA HIS B 108 12.61 11.47 -42.04
C HIS B 108 12.83 12.80 -42.74
N LEU B 109 12.37 13.90 -42.14
CA LEU B 109 12.45 15.21 -42.78
C LEU B 109 13.87 15.61 -43.05
N LYS B 110 14.77 15.36 -42.10
CA LYS B 110 16.18 15.64 -42.37
C LYS B 110 16.66 14.85 -43.58
N THR B 111 16.24 13.59 -43.70
CA THR B 111 16.73 12.79 -44.82
C THR B 111 16.28 13.36 -46.17
N ILE B 112 15.04 13.83 -46.28
CA ILE B 112 14.54 14.32 -47.56
C ILE B 112 14.77 15.82 -47.70
N ASN B 113 15.68 16.36 -46.90
CA ASN B 113 15.98 17.80 -46.83
C ASN B 113 14.71 18.66 -46.68
N GLN B 114 13.87 18.32 -45.72
CA GLN B 114 12.83 19.27 -45.34
C GLN B 114 13.01 19.68 -43.89
N GLU B 115 14.23 20.09 -43.55
CA GLU B 115 14.53 20.44 -42.18
C GLU B 115 13.73 21.67 -41.77
N SER B 116 13.48 22.60 -42.71
CA SER B 116 12.67 23.77 -42.41
C SER B 116 11.24 23.40 -42.00
N CYS B 117 10.80 22.18 -42.32
CA CYS B 117 9.47 21.70 -41.96
C CYS B 117 9.43 21.11 -40.57
N ILE B 118 10.59 20.87 -39.95
CA ILE B 118 10.60 20.37 -38.58
C ILE B 118 9.94 21.37 -37.65
N GLU B 119 10.14 22.66 -37.91
CA GLU B 119 9.61 23.67 -37.01
C GLU B 119 8.09 23.76 -37.11
N PRO B 120 7.47 23.80 -38.29
CA PRO B 120 6.00 23.71 -38.34
C PRO B 120 5.45 22.42 -37.75
N LEU B 121 6.17 21.30 -37.91
CA LEU B 121 5.76 20.03 -37.35
C LEU B 121 5.45 20.17 -35.87
N ALA B 122 6.44 20.65 -35.10
CA ALA B 122 6.22 20.85 -33.69
C ALA B 122 4.97 21.67 -33.44
N GLU B 123 4.73 22.69 -34.28
CA GLU B 123 3.50 23.47 -34.12
C GLU B 123 2.29 22.56 -34.01
N SER B 124 2.02 21.80 -35.06
CA SER B 124 0.85 20.94 -35.04
C SER B 124 0.92 19.97 -33.86
N ILE B 125 2.08 19.37 -33.62
CA ILE B 125 2.17 18.47 -32.47
C ILE B 125 1.77 19.24 -31.22
N THR B 126 2.43 20.37 -30.98
CA THR B 126 2.21 21.09 -29.73
C THR B 126 0.78 21.61 -29.65
N ASP B 127 0.28 22.21 -30.72
CA ASP B 127 -1.11 22.65 -30.73
C ASP B 127 -2.03 21.48 -30.39
N VAL B 128 -1.87 20.35 -31.08
CA VAL B 128 -2.79 19.22 -30.86
C VAL B 128 -2.74 18.79 -29.40
N LEU B 129 -1.62 19.01 -28.73
CA LEU B 129 -1.53 18.58 -27.35
C LEU B 129 -2.31 19.53 -26.43
N VAL B 130 -2.27 20.83 -26.71
CA VAL B 130 -2.98 21.78 -25.87
C VAL B 130 -4.43 21.89 -26.30
N ARG B 131 -4.67 21.98 -27.62
CA ARG B 131 -6.01 22.10 -28.17
C ARG B 131 -6.93 20.97 -27.73
N THR B 132 -6.38 19.89 -27.18
CA THR B 132 -7.17 18.75 -26.76
C THR B 132 -6.91 18.28 -25.33
N LYS B 133 -5.77 18.59 -24.70
CA LYS B 133 -5.49 18.02 -23.38
C LYS B 133 -5.02 19.04 -22.33
N ARG B 134 -5.05 20.35 -22.63
CA ARG B 134 -4.48 21.36 -21.72
C ARG B 134 -4.99 21.18 -20.29
N ASP B 135 -6.31 21.28 -20.11
CA ASP B 135 -6.89 21.15 -18.77
C ASP B 135 -6.44 19.86 -18.10
N TRP B 136 -6.42 18.76 -18.84
CA TRP B 136 -6.02 17.50 -18.22
C TRP B 136 -4.60 17.63 -17.65
N LEU B 137 -3.72 18.23 -18.43
CA LEU B 137 -2.34 18.41 -18.00
C LEU B 137 -2.22 19.29 -16.75
N VAL B 138 -3.08 20.29 -16.57
CA VAL B 138 -2.93 21.11 -15.37
C VAL B 138 -3.32 20.31 -14.13
N LYS B 139 -4.23 19.34 -14.28
CA LYS B 139 -4.47 18.43 -13.16
C LYS B 139 -3.23 17.63 -12.79
N GLN B 140 -2.23 17.59 -13.67
CA GLN B 140 -0.94 17.00 -13.37
C GLN B 140 0.11 18.08 -13.16
N ARG B 141 -0.34 19.28 -12.74
CA ARG B 141 0.49 20.45 -12.48
C ARG B 141 1.16 20.97 -13.75
N GLY B 142 1.66 20.08 -14.59
CA GLY B 142 2.18 20.42 -15.89
C GLY B 142 3.30 19.46 -16.28
N TRP B 143 4.34 19.99 -16.90
CA TRP B 143 5.47 19.15 -17.28
C TRP B 143 6.19 18.59 -16.07
N ASP B 144 6.04 19.25 -14.92
CA ASP B 144 6.51 18.68 -13.67
C ASP B 144 5.83 17.36 -13.40
N GLY B 145 4.51 17.27 -13.62
CA GLY B 145 3.84 16.00 -13.50
C GLY B 145 4.45 14.94 -14.41
N PHE B 146 4.89 15.37 -15.59
CA PHE B 146 5.61 14.49 -16.50
C PHE B 146 6.90 14.00 -15.86
N VAL B 147 7.77 14.92 -15.50
CA VAL B 147 9.08 14.57 -14.93
C VAL B 147 8.90 13.72 -13.68
N GLU B 148 7.98 14.13 -12.79
CA GLU B 148 7.71 13.38 -11.58
C GLU B 148 7.21 11.98 -11.88
N PHE B 149 6.46 11.83 -12.97
CA PHE B 149 6.05 10.49 -13.39
C PHE B 149 7.25 9.67 -13.83
N PHE B 150 8.22 10.32 -14.48
CA PHE B 150 9.35 9.62 -15.07
C PHE B 150 10.66 9.84 -14.32
N HIS B 151 10.72 9.47 -13.03
CA HIS B 151 11.95 9.62 -12.24
C HIS B 151 12.76 8.33 -12.27
N VAL B 152 14.05 8.45 -12.53
CA VAL B 152 14.95 7.31 -12.45
C VAL B 152 16.25 7.73 -11.80
N ASP C 3 13.46 8.16 35.36
CA ASP C 3 13.01 7.63 36.64
C ASP C 3 11.94 8.52 37.27
N GLU C 4 12.31 9.77 37.55
CA GLU C 4 11.41 10.73 38.16
C GLU C 4 11.06 11.90 37.26
N LEU C 5 11.98 12.32 36.39
CA LEU C 5 11.66 13.36 35.41
C LEU C 5 10.57 12.90 34.46
N TYR C 6 10.48 11.59 34.20
CA TYR C 6 9.41 11.06 33.36
C TYR C 6 8.04 11.32 33.96
N ARG C 7 7.89 11.10 35.27
CA ARG C 7 6.58 11.31 35.89
C ARG C 7 6.23 12.79 35.96
N GLN C 8 7.24 13.65 36.14
CA GLN C 8 7.03 15.09 36.04
C GLN C 8 6.48 15.46 34.67
N SER C 9 7.19 15.04 33.62
CA SER C 9 6.77 15.33 32.25
C SER C 9 5.35 14.81 32.01
N LEU C 10 5.08 13.58 32.47
CA LEU C 10 3.74 13.02 32.36
C LEU C 10 2.72 13.97 32.95
N GLU C 11 2.99 14.46 34.16
CA GLU C 11 2.07 15.37 34.82
C GLU C 11 1.78 16.59 33.95
N ILE C 12 2.84 17.28 33.50
CA ILE C 12 2.65 18.51 32.72
C ILE C 12 1.91 18.23 31.42
N ILE C 13 2.44 17.29 30.62
CA ILE C 13 1.92 17.03 29.28
C ILE C 13 0.48 16.54 29.37
N SER C 14 0.23 15.58 30.26
CA SER C 14 -1.12 15.09 30.49
C SER C 14 -2.07 16.23 30.80
N ARG C 15 -1.65 17.13 31.70
CA ARG C 15 -2.52 18.22 32.11
C ARG C 15 -2.89 19.10 30.92
N TYR C 16 -1.89 19.45 30.11
CA TYR C 16 -2.16 20.31 28.96
C TYR C 16 -3.10 19.63 27.96
N LEU C 17 -2.84 18.37 27.63
CA LEU C 17 -3.70 17.68 26.67
C LEU C 17 -5.13 17.61 27.15
N ARG C 18 -5.33 17.20 28.40
CA ARG C 18 -6.70 17.08 28.88
C ARG C 18 -7.40 18.43 28.92
N GLU C 19 -6.73 19.47 29.41
CA GLU C 19 -7.44 20.74 29.51
C GLU C 19 -7.68 21.38 28.15
N GLN C 20 -6.86 21.05 27.16
CA GLN C 20 -7.20 21.41 25.78
C GLN C 20 -8.41 20.63 25.30
N ALA C 21 -8.63 19.45 25.88
CA ALA C 21 -9.77 18.64 25.48
C ALA C 21 -11.08 19.08 26.14
N THR C 22 -11.03 19.55 27.39
CA THR C 22 -12.24 19.81 28.15
C THR C 22 -12.51 21.27 28.46
N GLY C 23 -11.54 22.16 28.29
CA GLY C 23 -11.74 23.54 28.68
C GLY C 23 -11.68 23.81 30.17
N ALA C 24 -11.58 22.78 30.99
CA ALA C 24 -11.46 22.90 32.43
C ALA C 24 -9.98 22.94 32.84
N LYS C 25 -9.74 23.29 34.10
CA LYS C 25 -8.37 23.45 34.58
C LYS C 25 -8.10 22.49 35.71
N LYS C 28 -6.03 18.94 40.47
CA LYS C 28 -5.22 18.05 41.30
C LYS C 28 -3.90 18.69 41.67
N PRO C 29 -3.39 18.38 42.86
CA PRO C 29 -2.07 18.88 43.25
C PRO C 29 -0.96 18.28 42.38
N MET C 30 0.15 18.99 42.34
CA MET C 30 1.33 18.60 41.57
C MET C 30 2.37 17.97 42.50
N GLY C 31 3.33 17.28 41.91
CA GLY C 31 4.35 16.63 42.69
C GLY C 31 5.48 17.54 43.11
N ARG C 32 6.62 16.94 43.42
CA ARG C 32 7.81 17.68 43.79
C ARG C 32 8.42 18.40 42.58
N ALA C 35 5.71 24.13 40.96
CA ALA C 35 5.75 25.49 40.41
C ALA C 35 6.25 25.47 38.97
N THR C 36 7.34 24.73 38.74
CA THR C 36 7.83 24.52 37.38
C THR C 36 6.74 23.93 36.48
N SER C 37 5.98 22.97 37.00
CA SER C 37 4.92 22.35 36.21
C SER C 37 3.83 23.37 35.83
N ARG C 38 3.31 24.13 36.81
CA ARG C 38 2.23 25.06 36.48
C ARG C 38 2.69 26.16 35.53
N LYS C 39 3.94 26.60 35.67
CA LYS C 39 4.44 27.67 34.81
C LYS C 39 4.68 27.17 33.40
N ALA C 40 5.30 25.99 33.27
CA ALA C 40 5.42 25.32 31.97
C ALA C 40 4.05 25.10 31.36
N LEU C 41 3.07 24.75 32.19
CA LEU C 41 1.72 24.49 31.71
C LEU C 41 1.11 25.73 31.08
N GLU C 42 1.26 26.90 31.71
CA GLU C 42 0.75 28.13 31.11
C GLU C 42 1.52 28.48 29.84
N THR C 43 2.84 28.30 29.86
CA THR C 43 3.65 28.48 28.66
C THR C 43 3.09 27.66 27.51
N LEU C 44 2.85 26.38 27.77
CA LEU C 44 2.29 25.47 26.78
C LEU C 44 0.95 25.96 26.30
N ARG C 45 0.08 26.44 27.19
CA ARG C 45 -1.15 27.08 26.76
C ARG C 45 -0.86 28.03 25.62
N ARG C 46 -0.06 29.05 25.89
CA ARG C 46 0.18 30.11 24.90
C ARG C 46 0.81 29.56 23.60
N VAL C 47 2.04 29.07 23.70
CA VAL C 47 2.79 28.77 22.47
C VAL C 47 2.30 27.46 21.84
N GLY C 48 1.91 26.46 22.65
CA GLY C 48 1.26 25.29 22.09
C GLY C 48 0.07 25.67 21.24
N ASP C 49 -0.74 26.64 21.71
CA ASP C 49 -1.80 27.13 20.83
C ASP C 49 -1.21 27.70 19.55
N GLY C 50 -0.07 28.39 19.66
CA GLY C 50 0.58 28.91 18.46
C GLY C 50 0.94 27.82 17.46
N VAL C 51 1.54 26.75 17.95
CA VAL C 51 1.97 25.65 17.11
C VAL C 51 0.75 24.95 16.50
N GLN C 52 -0.32 24.78 17.28
CA GLN C 52 -1.56 24.28 16.69
C GLN C 52 -2.11 25.25 15.66
N ARG C 53 -1.70 26.52 15.72
CA ARG C 53 -2.26 27.54 14.83
C ARG C 53 -1.57 27.60 13.47
N ASN C 54 -0.25 27.37 13.39
CA ASN C 54 0.40 27.55 12.08
C ASN C 54 0.14 26.37 11.14
N HIS C 55 0.24 25.15 11.64
CA HIS C 55 0.17 23.94 10.83
C HIS C 55 -1.07 23.10 11.11
N GLU C 56 -2.21 23.78 11.26
CA GLU C 56 -3.50 23.10 11.48
C GLU C 56 -3.79 22.06 10.39
N THR C 57 -3.54 22.40 9.13
CA THR C 57 -3.84 21.49 8.04
C THR C 57 -3.06 20.20 8.17
N ALA C 58 -1.73 20.28 8.25
CA ALA C 58 -0.89 19.09 8.33
C ALA C 58 -1.29 18.22 9.52
N PHE C 59 -1.60 18.85 10.67
CA PHE C 59 -2.08 18.07 11.80
C PHE C 59 -3.35 17.31 11.44
N GLN C 60 -4.30 17.99 10.78
CA GLN C 60 -5.56 17.32 10.43
C GLN C 60 -5.33 16.20 9.42
N GLY C 61 -4.44 16.43 8.45
CA GLY C 61 -4.21 15.43 7.42
C GLY C 61 -3.53 14.20 7.98
N MET C 62 -2.55 14.41 8.87
CA MET C 62 -1.90 13.28 9.52
C MET C 62 -2.87 12.55 10.43
N LEU C 63 -3.69 13.27 11.20
CA LEU C 63 -4.65 12.61 12.08
C LEU C 63 -5.60 11.72 11.29
N ARG C 64 -6.24 12.28 10.25
CA ARG C 64 -7.13 11.49 9.41
C ARG C 64 -6.39 10.31 8.79
N LYS C 65 -5.17 10.54 8.34
CA LYS C 65 -4.32 9.46 7.85
C LYS C 65 -4.00 8.43 8.93
N LEU C 66 -4.09 8.81 10.20
CA LEU C 66 -3.71 7.93 11.29
C LEU C 66 -4.78 6.90 11.62
N ASP C 67 -6.04 7.14 11.23
CA ASP C 67 -7.09 6.13 11.32
C ASP C 67 -7.19 5.60 12.76
N ILE C 68 -7.41 6.53 13.68
CA ILE C 68 -7.39 6.22 15.11
C ILE C 68 -8.79 5.88 15.57
N LYS C 69 -8.92 4.77 16.28
CA LYS C 69 -10.21 4.30 16.74
C LYS C 69 -10.24 4.07 18.24
N ASN C 70 -9.13 3.61 18.80
CA ASN C 70 -9.07 3.12 20.17
C ASN C 70 -7.64 3.30 20.66
N GLU C 71 -7.36 2.74 21.84
CA GLU C 71 -6.01 2.79 22.39
C GLU C 71 -5.06 1.92 21.59
N ASP C 72 -5.57 0.86 20.95
CA ASP C 72 -4.70 0.02 20.12
C ASP C 72 -4.05 0.82 19.01
N ASP C 73 -4.82 1.72 18.39
CA ASP C 73 -4.24 2.64 17.41
C ASP C 73 -3.23 3.57 18.09
N VAL C 74 -3.53 3.98 19.32
CA VAL C 74 -2.69 4.94 20.04
C VAL C 74 -1.30 4.35 20.30
N LYS C 75 -1.23 3.13 20.83
CA LYS C 75 0.07 2.53 21.14
C LYS C 75 0.92 2.27 19.91
N SER C 76 0.35 2.29 18.72
CA SER C 76 1.09 2.02 17.50
C SER C 76 1.60 3.29 16.86
N LEU C 77 1.38 4.44 17.50
CA LEU C 77 1.80 5.75 17.03
C LEU C 77 3.21 6.12 17.48
N SER C 78 3.73 5.45 18.51
CA SER C 78 5.01 5.86 19.11
C SER C 78 6.14 5.90 18.09
N ARG C 79 6.20 4.92 17.18
CA ARG C 79 7.33 4.84 16.27
C ARG C 79 7.23 5.86 15.13
N VAL C 80 6.03 6.22 14.67
CA VAL C 80 5.95 7.34 13.73
C VAL C 80 6.28 8.65 14.46
N MET C 81 5.91 8.74 15.73
CA MET C 81 6.33 9.86 16.57
C MET C 81 7.84 9.94 16.60
N ILE C 82 8.50 8.79 16.79
CA ILE C 82 9.96 8.72 16.75
C ILE C 82 10.47 9.17 15.40
N HIS C 83 9.86 8.69 14.32
CA HIS C 83 10.36 9.04 12.99
C HIS C 83 10.32 10.53 12.77
N VAL C 84 9.16 11.16 12.98
CA VAL C 84 9.04 12.59 12.72
C VAL C 84 9.84 13.42 13.71
N PHE C 85 10.04 12.94 14.94
CA PHE C 85 10.62 13.77 15.98
C PHE C 85 12.12 13.58 16.18
N SER C 86 12.62 12.35 16.05
CA SER C 86 13.98 12.03 16.44
C SER C 86 14.98 12.49 15.37
N ASP C 87 14.76 12.12 14.12
CA ASP C 87 15.75 12.38 13.09
C ASP C 87 15.99 13.88 12.94
N GLY C 88 17.27 14.27 12.93
CA GLY C 88 17.63 15.67 12.80
C GLY C 88 17.89 16.38 14.12
N VAL C 89 17.65 17.69 14.11
CA VAL C 89 17.96 18.62 15.19
C VAL C 89 17.21 18.28 16.46
N THR C 90 17.65 18.85 17.59
CA THR C 90 16.85 18.86 18.79
C THR C 90 16.79 20.30 19.27
N ASN C 91 15.63 20.70 19.78
CA ASN C 91 15.48 22.05 20.31
C ASN C 91 14.09 22.12 20.93
N TRP C 92 13.84 23.21 21.64
CA TRP C 92 12.55 23.32 22.33
C TRP C 92 11.40 23.41 21.34
N GLY C 93 11.60 24.00 20.15
CA GLY C 93 10.50 24.16 19.20
C GLY C 93 9.93 22.84 18.70
N ARG C 94 10.80 21.88 18.39
CA ARG C 94 10.34 20.57 17.97
C ARG C 94 9.53 19.92 19.08
N ILE C 95 9.90 20.19 20.33
CA ILE C 95 9.14 19.73 21.48
C ILE C 95 7.76 20.37 21.46
N VAL C 96 7.70 21.66 21.14
CA VAL C 96 6.40 22.32 21.17
C VAL C 96 5.45 21.68 20.16
N THR C 97 5.98 21.29 19.00
CA THR C 97 5.11 20.67 17.99
C THR C 97 4.74 19.24 18.34
N LEU C 98 5.69 18.45 18.83
CA LEU C 98 5.37 17.14 19.39
C LEU C 98 4.16 17.22 20.31
N ILE C 99 4.26 18.05 21.36
CA ILE C 99 3.21 18.08 22.38
C ILE C 99 1.89 18.65 21.84
N SER C 100 1.93 19.67 20.98
CA SER C 100 0.68 20.23 20.47
C SER C 100 -0.02 19.28 19.50
N PHE C 101 0.74 18.49 18.71
CA PHE C 101 0.07 17.47 17.92
C PHE C 101 -0.53 16.40 18.81
N GLY C 102 0.12 16.08 19.94
CA GLY C 102 -0.54 15.28 20.95
C GLY C 102 -1.87 15.88 21.39
N ALA C 103 -1.92 17.21 21.48
CA ALA C 103 -3.16 17.88 21.87
C ALA C 103 -4.25 17.72 20.82
N PHE C 104 -3.90 17.86 19.55
CA PHE C 104 -4.84 17.58 18.47
C PHE C 104 -5.40 16.16 18.56
N VAL C 105 -4.50 15.20 18.78
CA VAL C 105 -4.93 13.82 18.96
C VAL C 105 -5.85 13.70 20.16
N ALA C 106 -5.60 14.47 21.22
CA ALA C 106 -6.44 14.41 22.40
C ALA C 106 -7.86 14.90 22.11
N LYS C 107 -7.98 16.00 21.38
C LYS C 107 -10.00 15.36 20.12
N HIS C 108 -9.27 14.72 19.20
CA HIS C 108 -9.81 13.57 18.49
C HIS C 108 -10.30 12.49 19.46
N LEU C 109 -9.47 12.15 20.45
CA LEU C 109 -9.77 11.04 21.35
C LEU C 109 -11.04 11.33 22.15
N LYS C 110 -11.17 12.56 22.67
CA LYS C 110 -12.39 12.93 23.36
C LYS C 110 -13.58 12.88 22.42
N THR C 111 -13.40 13.32 21.17
CA THR C 111 -14.50 13.36 20.23
C THR C 111 -15.08 11.97 19.98
N ILE C 112 -14.23 10.96 19.88
CA ILE C 112 -14.65 9.60 19.59
C ILE C 112 -14.90 8.85 20.89
N ASN C 113 -15.13 9.58 21.98
CA ASN C 113 -15.31 9.01 23.31
C ASN C 113 -14.19 8.04 23.66
N GLN C 114 -12.96 8.45 23.37
CA GLN C 114 -11.80 7.72 23.89
C GLN C 114 -10.99 8.66 24.77
N GLU C 115 -11.66 9.28 25.74
CA GLU C 115 -10.99 10.24 26.61
C GLU C 115 -9.92 9.55 27.44
N SER C 116 -10.18 8.30 27.83
CA SER C 116 -9.24 7.52 28.62
C SER C 116 -7.92 7.28 27.91
N CYS C 117 -7.87 7.49 26.59
CA CYS C 117 -6.63 7.28 25.87
C CYS C 117 -5.68 8.45 25.96
N ILE C 118 -6.11 9.58 26.51
CA ILE C 118 -5.18 10.70 26.63
C ILE C 118 -3.99 10.34 27.52
N GLU C 119 -4.23 9.56 28.59
CA GLU C 119 -3.14 9.26 29.51
C GLU C 119 -2.09 8.33 28.92
N PRO C 120 -2.46 7.20 28.29
CA PRO C 120 -1.40 6.41 27.63
C PRO C 120 -0.67 7.20 26.56
N LEU C 121 -1.40 8.03 25.82
CA LEU C 121 -0.80 8.86 24.79
C LEU C 121 0.37 9.65 25.35
N ALA C 122 0.09 10.44 26.40
CA ALA C 122 1.15 11.23 27.02
C ALA C 122 2.31 10.34 27.46
N GLU C 123 2.01 9.18 28.05
CA GLU C 123 3.08 8.27 28.46
C GLU C 123 3.98 7.98 27.27
N SER C 124 3.39 7.57 26.16
CA SER C 124 4.17 7.30 24.97
C SER C 124 4.98 8.53 24.60
N ILE C 125 4.32 9.68 24.54
CA ILE C 125 5.03 10.92 24.24
C ILE C 125 6.14 11.13 25.26
N THR C 126 5.80 11.00 26.54
CA THR C 126 6.80 11.21 27.57
C THR C 126 7.94 10.23 27.37
N ASP C 127 7.63 8.97 27.08
CA ASP C 127 8.67 8.01 26.79
C ASP C 127 9.59 8.54 25.70
N VAL C 128 8.99 8.90 24.56
CA VAL C 128 9.78 9.31 23.41
C VAL C 128 10.62 10.55 23.73
N LEU C 129 10.18 11.41 24.66
CA LEU C 129 10.99 12.59 24.92
C LEU C 129 12.21 12.24 25.77
N VAL C 130 12.06 11.40 26.77
CA VAL C 130 13.20 11.11 27.63
C VAL C 130 14.08 10.03 27.02
N ARG C 131 13.51 8.86 26.73
CA ARG C 131 14.25 7.75 26.12
C ARG C 131 15.13 8.22 24.96
N THR C 132 14.73 9.30 24.30
CA THR C 132 15.47 9.82 23.17
C THR C 132 16.27 11.08 23.44
N LYS C 133 15.92 11.90 24.45
CA LYS C 133 16.61 13.18 24.56
C LYS C 133 17.05 13.53 25.99
N ARG C 134 16.98 12.56 26.92
CA ARG C 134 17.16 12.84 28.33
C ARG C 134 18.38 13.70 28.60
N ASP C 135 19.56 13.25 28.15
CA ASP C 135 20.79 13.97 28.41
C ASP C 135 20.70 15.44 27.95
N TRP C 136 20.13 15.68 26.77
CA TRP C 136 20.00 17.05 26.28
C TRP C 136 19.19 17.91 27.24
N LEU C 137 18.14 17.33 27.82
CA LEU C 137 17.32 18.07 28.77
C LEU C 137 18.15 18.63 29.92
N VAL C 138 19.18 17.89 30.35
CA VAL C 138 20.00 18.36 31.46
C VAL C 138 20.86 19.55 31.05
N LYS C 139 21.29 19.61 29.78
CA LYS C 139 21.98 20.82 29.34
C LYS C 139 21.08 22.04 29.42
N GLN C 140 19.77 21.83 29.57
CA GLN C 140 18.82 22.89 29.83
C GLN C 140 18.41 22.90 31.29
N ARG C 141 19.13 22.17 32.15
CA ARG C 141 18.74 22.02 33.55
C ARG C 141 17.28 21.58 33.65
N GLY C 142 16.87 20.74 32.71
CA GLY C 142 15.50 20.27 32.67
C GLY C 142 14.53 21.35 32.20
N TRP C 143 13.35 21.37 32.82
CA TRP C 143 12.30 22.30 32.42
C TRP C 143 12.66 23.75 32.68
N ASP C 144 13.61 24.02 33.58
CA ASP C 144 14.11 25.38 33.72
C ASP C 144 14.60 25.88 32.38
N GLY C 145 15.35 25.05 31.65
CA GLY C 145 15.77 25.44 30.33
C GLY C 145 14.64 25.80 29.41
N PHE C 146 13.49 25.12 29.55
CA PHE C 146 12.30 25.44 28.75
C PHE C 146 11.65 26.78 29.12
N VAL C 147 11.14 26.92 30.35
CA VAL C 147 10.44 28.17 30.69
C VAL C 147 11.41 29.35 30.69
N GLU C 148 12.51 29.23 31.45
CA GLU C 148 13.44 30.34 31.60
C GLU C 148 14.09 30.80 30.29
N PHE C 149 14.35 29.89 29.33
CA PHE C 149 14.94 30.37 28.08
C PHE C 149 13.99 31.28 27.31
N PHE C 150 12.69 31.10 27.46
CA PHE C 150 11.76 31.97 26.74
C PHE C 150 10.78 32.69 27.65
N HIS C 151 11.04 32.74 28.95
CA HIS C 151 10.36 33.68 29.87
C HIS C 151 10.94 33.52 31.29
N ASP D 3 -21.45 -10.16 1.54
CA ASP D 3 -20.13 -10.35 0.94
C ASP D 3 -19.07 -10.77 1.94
N GLU D 4 -18.95 -10.02 3.05
CA GLU D 4 -17.73 -10.04 3.83
C GLU D 4 -17.62 -11.20 4.81
N LEU D 5 -18.70 -11.50 5.54
CA LEU D 5 -18.66 -12.67 6.41
C LEU D 5 -18.55 -13.94 5.58
N TYR D 6 -19.21 -13.97 4.42
CA TYR D 6 -19.05 -15.07 3.48
C TYR D 6 -17.62 -15.15 2.96
N ARG D 7 -17.04 -14.00 2.61
CA ARG D 7 -15.67 -14.04 2.08
C ARG D 7 -14.71 -14.65 3.09
N GLN D 8 -14.72 -14.13 4.32
CA GLN D 8 -13.82 -14.66 5.34
C GLN D 8 -14.10 -16.14 5.61
N SER D 9 -15.35 -16.48 5.95
CA SER D 9 -15.71 -17.86 6.27
C SER D 9 -15.46 -18.81 5.10
N LEU D 10 -15.95 -18.47 3.92
CA LEU D 10 -15.75 -19.30 2.74
C LEU D 10 -14.28 -19.58 2.50
N GLU D 11 -13.43 -18.54 2.48
CA GLU D 11 -12.01 -18.82 2.27
C GLU D 11 -11.41 -19.68 3.37
N ILE D 12 -11.72 -19.39 4.63
CA ILE D 12 -11.18 -20.21 5.69
C ILE D 12 -11.53 -21.66 5.44
N ILE D 13 -12.82 -21.93 5.21
CA ILE D 13 -13.31 -23.29 5.08
C ILE D 13 -12.72 -23.97 3.85
N SER D 14 -12.73 -23.30 2.70
CA SER D 14 -12.13 -23.89 1.50
C SER D 14 -10.68 -24.27 1.72
N ARG D 15 -9.89 -23.35 2.28
CA ARG D 15 -8.48 -23.64 2.50
C ARG D 15 -8.31 -24.80 3.46
N TYR D 16 -9.10 -24.82 4.53
CA TYR D 16 -9.01 -25.90 5.51
C TYR D 16 -9.35 -27.25 4.89
N LEU D 17 -10.43 -27.29 4.11
CA LEU D 17 -10.85 -28.51 3.44
C LEU D 17 -9.78 -29.01 2.48
N ARG D 18 -9.19 -28.08 1.70
CA ARG D 18 -8.10 -28.45 0.80
C ARG D 18 -6.93 -29.04 1.57
N GLU D 19 -6.56 -28.40 2.67
CA GLU D 19 -5.35 -28.75 3.39
C GLU D 19 -5.51 -30.08 4.13
N GLN D 20 -6.71 -30.34 4.67
CA GLN D 20 -6.95 -31.67 5.22
C GLN D 20 -7.00 -32.71 4.11
N ALA D 21 -7.58 -32.37 2.96
CA ALA D 21 -7.77 -33.38 1.93
C ALA D 21 -6.45 -33.82 1.30
N THR D 22 -5.51 -32.89 1.14
CA THR D 22 -4.27 -33.22 0.45
C THR D 22 -3.03 -33.16 1.33
N GLY D 23 -3.13 -32.62 2.54
CA GLY D 23 -1.97 -32.42 3.37
C GLY D 23 -1.09 -31.26 2.95
N ALA D 24 -1.36 -30.64 1.82
CA ALA D 24 -0.67 -29.43 1.39
C ALA D 24 -1.44 -28.22 1.87
N LYS D 25 -0.79 -27.06 1.85
CA LYS D 25 -1.35 -25.87 2.49
C LYS D 25 -1.62 -24.70 1.55
N ASP D 26 -1.19 -24.76 0.29
CA ASP D 26 -1.38 -23.71 -0.70
C ASP D 26 -0.75 -22.39 -0.27
N THR D 27 0.40 -22.06 -0.87
CA THR D 27 1.11 -20.83 -0.55
C THR D 27 0.46 -19.63 -1.23
N LYS D 28 -0.79 -19.78 -1.66
CA LYS D 28 -1.50 -18.65 -2.27
C LYS D 28 -2.15 -17.80 -1.17
N PRO D 29 -2.09 -16.48 -1.31
CA PRO D 29 -2.29 -15.61 -0.15
C PRO D 29 -3.74 -15.49 0.29
N MET D 30 -3.90 -15.10 1.56
CA MET D 30 -5.20 -14.86 2.17
C MET D 30 -5.48 -13.37 2.15
N GLY D 31 -6.75 -13.02 2.35
CA GLY D 31 -7.15 -11.64 2.28
C GLY D 31 -6.86 -10.88 3.57
N ARG D 32 -7.60 -9.79 3.75
CA ARG D 32 -7.48 -9.00 4.95
C ARG D 32 -8.04 -9.78 6.14
N SER D 33 -7.69 -9.31 7.34
CA SER D 33 -7.94 -10.04 8.58
C SER D 33 -7.21 -11.38 8.58
N GLY D 34 -6.01 -11.42 7.98
CA GLY D 34 -5.34 -12.69 7.76
C GLY D 34 -4.79 -13.34 9.02
N ALA D 35 -4.43 -12.54 10.01
CA ALA D 35 -3.87 -13.09 11.23
C ALA D 35 -4.89 -13.97 11.95
N THR D 36 -6.12 -13.47 12.08
CA THR D 36 -7.22 -14.28 12.60
C THR D 36 -7.33 -15.59 11.84
N SER D 37 -7.26 -15.50 10.52
CA SER D 37 -7.43 -16.68 9.67
C SER D 37 -6.35 -17.73 9.94
N ARG D 38 -5.07 -17.33 9.95
CA ARG D 38 -4.01 -18.35 10.01
C ARG D 38 -3.83 -18.89 11.42
N LYS D 39 -3.87 -18.04 12.46
CA LYS D 39 -3.74 -18.62 13.80
C LYS D 39 -4.96 -19.46 14.15
N ALA D 40 -6.16 -19.02 13.72
CA ALA D 40 -7.32 -19.88 13.79
C ALA D 40 -7.06 -21.19 13.06
N LEU D 41 -6.37 -21.12 11.92
CA LEU D 41 -6.08 -22.33 11.17
C LEU D 41 -5.15 -23.26 11.94
N GLU D 42 -4.29 -22.72 12.80
CA GLU D 42 -3.46 -23.58 13.65
C GLU D 42 -4.31 -24.25 14.72
N THR D 43 -5.10 -23.44 15.43
CA THR D 43 -6.15 -23.98 16.28
C THR D 43 -6.87 -25.13 15.58
N LEU D 44 -7.33 -24.88 14.35
CA LEU D 44 -8.03 -25.86 13.54
C LEU D 44 -7.19 -27.10 13.30
N ARG D 45 -6.00 -26.94 12.75
CA ARG D 45 -5.08 -28.03 12.51
C ARG D 45 -5.11 -29.01 13.66
N ARG D 46 -4.61 -28.60 14.83
CA ARG D 46 -4.47 -29.56 15.92
C ARG D 46 -5.84 -30.07 16.38
N VAL D 47 -6.75 -29.16 16.74
CA VAL D 47 -7.95 -29.58 17.45
C VAL D 47 -8.92 -30.28 16.51
N GLY D 48 -9.07 -29.76 15.30
CA GLY D 48 -9.89 -30.41 14.28
C GLY D 48 -9.39 -31.79 13.91
N ASP D 49 -8.07 -31.94 13.71
CA ASP D 49 -7.55 -33.28 13.45
C ASP D 49 -7.90 -34.20 14.60
N GLY D 50 -7.86 -33.70 15.83
CA GLY D 50 -8.33 -34.48 16.95
C GLY D 50 -9.78 -34.90 16.80
N VAL D 51 -10.64 -33.96 16.39
CA VAL D 51 -12.08 -34.23 16.33
C VAL D 51 -12.41 -35.29 15.27
N GLN D 52 -11.74 -35.24 14.11
CA GLN D 52 -11.96 -36.30 13.14
C GLN D 52 -11.55 -37.66 13.70
N ARG D 53 -10.61 -37.67 14.65
CA ARG D 53 -10.25 -38.91 15.32
C ARG D 53 -11.17 -39.22 16.50
N ASN D 54 -12.16 -38.37 16.76
CA ASN D 54 -13.12 -38.58 17.85
C ASN D 54 -14.43 -39.13 17.35
N HIS D 55 -14.96 -38.58 16.26
CA HIS D 55 -16.25 -39.01 15.74
C HIS D 55 -16.03 -39.78 14.44
N GLU D 56 -14.88 -40.44 14.35
CA GLU D 56 -14.61 -41.28 13.19
C GLU D 56 -15.72 -42.31 13.03
N THR D 57 -16.13 -42.95 14.11
CA THR D 57 -17.17 -43.95 14.00
C THR D 57 -18.45 -43.33 13.43
N ALA D 58 -18.96 -42.30 14.09
CA ALA D 58 -20.15 -41.60 13.61
C ALA D 58 -19.92 -40.95 12.25
N PHE D 59 -18.74 -40.33 12.04
CA PHE D 59 -18.47 -39.70 10.75
C PHE D 59 -18.48 -40.72 9.61
N GLN D 60 -18.01 -41.93 9.86
CA GLN D 60 -17.98 -42.96 8.83
C GLN D 60 -19.37 -43.52 8.58
N GLY D 61 -20.12 -43.74 9.65
CA GLY D 61 -21.49 -44.14 9.47
C GLY D 61 -22.28 -43.12 8.67
N MET D 62 -22.10 -41.83 8.99
CA MET D 62 -22.78 -40.78 8.22
C MET D 62 -22.25 -40.72 6.80
N LEU D 63 -20.95 -40.91 6.61
CA LEU D 63 -20.36 -40.93 5.27
C LEU D 63 -21.05 -41.98 4.40
N ARG D 64 -21.18 -43.19 4.91
CA ARG D 64 -21.87 -44.24 4.16
C ARG D 64 -23.34 -43.88 3.94
N LYS D 65 -24.01 -43.39 4.99
CA LYS D 65 -25.38 -42.92 4.84
C LYS D 65 -25.50 -41.82 3.81
N LEU D 66 -24.39 -41.20 3.44
CA LEU D 66 -24.45 -40.13 2.46
C LEU D 66 -24.22 -40.63 1.04
N ASP D 67 -23.47 -41.71 0.87
CA ASP D 67 -23.34 -42.37 -0.44
C ASP D 67 -23.00 -41.35 -1.53
N ILE D 68 -21.86 -40.70 -1.38
CA ILE D 68 -21.49 -39.62 -2.29
C ILE D 68 -20.73 -40.24 -3.45
N LYS D 69 -21.23 -40.02 -4.67
CA LYS D 69 -20.67 -40.65 -5.85
C LYS D 69 -20.39 -39.60 -6.90
N ASN D 70 -21.18 -38.55 -6.90
CA ASN D 70 -21.15 -37.56 -7.97
C ASN D 70 -21.55 -36.21 -7.37
N GLU D 71 -21.60 -35.20 -8.24
CA GLU D 71 -22.04 -33.88 -7.80
C GLU D 71 -23.54 -33.82 -7.56
N ASP D 72 -24.32 -34.61 -8.31
CA ASP D 72 -25.77 -34.64 -8.08
C ASP D 72 -26.08 -35.10 -6.66
N ASP D 73 -25.32 -36.08 -6.16
CA ASP D 73 -25.41 -36.45 -4.75
C ASP D 73 -24.94 -35.32 -3.84
N VAL D 74 -23.93 -34.56 -4.27
CA VAL D 74 -23.41 -33.47 -3.42
C VAL D 74 -24.47 -32.40 -3.21
N LYS D 75 -25.05 -31.87 -4.29
CA LYS D 75 -26.12 -30.88 -4.16
C LYS D 75 -27.40 -31.51 -3.59
N SER D 76 -27.37 -31.87 -2.32
CA SER D 76 -28.50 -32.47 -1.65
C SER D 76 -28.14 -32.56 -0.17
N LEU D 77 -26.93 -32.12 0.15
CA LEU D 77 -26.41 -32.14 1.51
C LEU D 77 -26.77 -30.91 2.32
N SER D 78 -27.09 -29.78 1.66
CA SER D 78 -27.31 -28.54 2.40
C SER D 78 -28.43 -28.68 3.43
N ARG D 79 -29.53 -29.34 3.05
CA ARG D 79 -30.65 -29.45 3.98
C ARG D 79 -30.36 -30.41 5.12
N VAL D 80 -29.58 -31.47 4.87
CA VAL D 80 -29.19 -32.36 5.96
C VAL D 80 -28.17 -31.67 6.87
N MET D 81 -27.26 -30.91 6.28
CA MET D 81 -26.30 -30.15 7.08
C MET D 81 -27.02 -29.16 7.97
N ILE D 82 -28.00 -28.45 7.42
CA ILE D 82 -28.85 -27.57 8.22
C ILE D 82 -29.57 -28.37 9.29
N HIS D 83 -30.12 -29.52 8.91
CA HIS D 83 -30.91 -30.34 9.83
C HIS D 83 -30.10 -30.75 11.05
N VAL D 84 -28.95 -31.39 10.83
CA VAL D 84 -28.11 -31.82 11.94
C VAL D 84 -27.53 -30.61 12.67
N PHE D 85 -27.37 -29.50 11.94
CA PHE D 85 -26.63 -28.34 12.41
C PHE D 85 -27.50 -27.22 12.98
N SER D 86 -28.50 -26.77 12.24
CA SER D 86 -29.29 -25.62 12.67
C SER D 86 -30.33 -26.01 13.70
N ASP D 87 -31.38 -25.19 13.84
CA ASP D 87 -32.35 -25.32 14.91
C ASP D 87 -31.64 -25.36 16.27
N GLY D 88 -31.38 -24.19 16.83
CA GLY D 88 -30.73 -24.12 18.12
C GLY D 88 -29.57 -23.15 18.16
N VAL D 89 -29.46 -22.46 19.30
CA VAL D 89 -28.34 -21.56 19.53
C VAL D 89 -27.07 -22.39 19.67
N THR D 90 -25.93 -21.72 19.55
CA THR D 90 -24.74 -22.40 19.06
C THR D 90 -23.58 -22.26 20.04
N ASN D 91 -22.41 -22.68 19.58
CA ASN D 91 -21.14 -22.50 20.26
C ASN D 91 -20.06 -22.84 19.24
N TRP D 92 -18.85 -22.41 19.54
CA TRP D 92 -17.76 -22.55 18.60
C TRP D 92 -17.33 -24.01 18.42
N GLY D 93 -17.45 -24.82 19.46
CA GLY D 93 -17.08 -26.23 19.35
C GLY D 93 -17.96 -26.95 18.35
N ARG D 94 -19.25 -26.67 18.38
CA ARG D 94 -20.14 -27.23 17.37
C ARG D 94 -19.77 -26.75 15.97
N ILE D 95 -19.31 -25.50 15.85
CA ILE D 95 -18.88 -25.00 14.56
C ILE D 95 -17.69 -25.81 14.06
N VAL D 96 -16.72 -26.06 14.93
CA VAL D 96 -15.59 -26.85 14.47
C VAL D 96 -16.02 -28.28 14.16
N THR D 97 -17.04 -28.79 14.83
CA THR D 97 -17.50 -30.14 14.52
C THR D 97 -18.16 -30.19 13.14
N LEU D 98 -19.04 -29.23 12.85
CA LEU D 98 -19.56 -29.06 11.50
C LEU D 98 -18.45 -29.07 10.45
N ILE D 99 -17.52 -28.12 10.58
CA ILE D 99 -16.48 -27.95 9.57
C ILE D 99 -15.56 -29.18 9.54
N SER D 100 -15.35 -29.81 10.69
CA SER D 100 -14.49 -30.99 10.75
C SER D 100 -15.12 -32.17 10.03
N PHE D 101 -16.45 -32.31 10.10
CA PHE D 101 -17.08 -33.32 9.27
C PHE D 101 -17.00 -32.95 7.80
N GLY D 102 -17.09 -31.65 7.49
CA GLY D 102 -16.80 -31.21 6.13
C GLY D 102 -15.41 -31.61 5.68
N ALA D 103 -14.43 -31.54 6.58
CA ALA D 103 -13.07 -31.93 6.26
C ALA D 103 -12.95 -33.44 6.06
N PHE D 104 -13.67 -34.21 6.88
CA PHE D 104 -13.76 -35.65 6.67
C PHE D 104 -14.28 -35.96 5.27
N VAL D 105 -15.36 -35.28 4.87
CA VAL D 105 -15.91 -35.42 3.53
C VAL D 105 -14.89 -34.98 2.47
N ALA D 106 -14.09 -33.96 2.77
CA ALA D 106 -13.09 -33.48 1.82
C ALA D 106 -12.00 -34.52 1.57
N LYS D 107 -11.50 -35.14 2.64
CA LYS D 107 -10.56 -36.25 2.46
C LYS D 107 -11.18 -37.37 1.64
N HIS D 108 -12.46 -37.68 1.92
CA HIS D 108 -13.18 -38.62 1.08
C HIS D 108 -13.15 -38.21 -0.39
N LEU D 109 -13.46 -36.95 -0.67
CA LEU D 109 -13.53 -36.47 -2.06
C LEU D 109 -12.19 -36.59 -2.75
N LYS D 110 -11.11 -36.24 -2.05
CA LYS D 110 -9.78 -36.43 -2.63
C LYS D 110 -9.52 -37.89 -2.93
N THR D 111 -9.93 -38.78 -2.02
CA THR D 111 -9.69 -40.20 -2.19
C THR D 111 -10.46 -40.80 -3.37
N ILE D 112 -11.69 -40.35 -3.60
CA ILE D 112 -12.53 -40.95 -4.63
C ILE D 112 -12.35 -40.32 -6.02
N ASN D 113 -11.21 -39.70 -6.27
CA ASN D 113 -10.92 -39.00 -7.53
C ASN D 113 -12.02 -37.99 -7.85
N GLN D 114 -12.33 -37.15 -6.85
CA GLN D 114 -13.21 -36.01 -7.07
C GLN D 114 -12.75 -34.78 -6.27
N GLU D 115 -11.48 -34.36 -6.43
CA GLU D 115 -11.00 -33.23 -5.63
C GLU D 115 -11.75 -31.94 -5.97
N SER D 116 -12.18 -31.79 -7.23
CA SER D 116 -12.89 -30.60 -7.67
C SER D 116 -14.19 -30.35 -6.90
N CYS D 117 -14.74 -31.37 -6.24
CA CYS D 117 -15.97 -31.18 -5.50
C CYS D 117 -15.75 -30.65 -4.10
N ILE D 118 -14.50 -30.57 -3.64
CA ILE D 118 -14.24 -30.01 -2.32
C ILE D 118 -14.75 -28.57 -2.22
N GLU D 119 -14.66 -27.82 -3.31
CA GLU D 119 -15.02 -26.41 -3.23
C GLU D 119 -16.51 -26.17 -3.03
N PRO D 120 -17.43 -26.79 -3.79
CA PRO D 120 -18.85 -26.58 -3.45
C PRO D 120 -19.17 -27.02 -2.04
N LEU D 121 -18.54 -28.10 -1.56
CA LEU D 121 -18.72 -28.49 -0.18
C LEU D 121 -18.44 -27.33 0.74
N ALA D 122 -17.23 -26.76 0.63
CA ALA D 122 -16.89 -25.58 1.41
C ALA D 122 -17.92 -24.49 1.22
N GLU D 123 -18.26 -24.21 -0.04
CA GLU D 123 -19.27 -23.21 -0.35
C GLU D 123 -20.56 -23.53 0.37
N SER D 124 -21.05 -24.76 0.23
CA SER D 124 -22.28 -25.12 0.89
C SER D 124 -22.18 -24.89 2.39
N ILE D 125 -21.07 -25.34 3.00
CA ILE D 125 -20.91 -25.15 4.43
C ILE D 125 -21.05 -23.67 4.76
N THR D 126 -20.35 -22.82 4.01
CA THR D 126 -20.39 -21.40 4.31
C THR D 126 -21.80 -20.85 4.18
N ASP D 127 -22.52 -21.25 3.12
CA ASP D 127 -23.92 -20.83 3.03
C ASP D 127 -24.64 -21.23 4.31
N VAL D 128 -24.58 -22.52 4.63
CA VAL D 128 -25.28 -23.02 5.80
C VAL D 128 -24.78 -22.33 7.04
N LEU D 129 -23.52 -21.89 7.02
CA LEU D 129 -22.93 -21.27 8.19
C LEU D 129 -23.42 -19.83 8.37
N VAL D 130 -23.57 -19.07 7.28
CA VAL D 130 -23.93 -17.67 7.45
C VAL D 130 -25.43 -17.49 7.57
N ARG D 131 -26.20 -18.19 6.74
CA ARG D 131 -27.64 -17.98 6.69
C ARG D 131 -28.31 -18.40 7.99
N THR D 132 -27.66 -19.24 8.79
CA THR D 132 -28.31 -19.85 9.94
C THR D 132 -27.86 -19.34 11.29
N LYS D 133 -26.66 -18.73 11.40
CA LYS D 133 -26.13 -18.42 12.71
C LYS D 133 -25.59 -17.00 12.88
N ARG D 134 -25.88 -16.09 11.94
CA ARG D 134 -25.25 -14.78 11.90
C ARG D 134 -25.24 -14.09 13.25
N ASP D 135 -26.43 -13.88 13.83
CA ASP D 135 -26.53 -13.19 15.12
C ASP D 135 -25.69 -13.86 16.19
N TRP D 136 -25.71 -15.19 16.26
CA TRP D 136 -24.93 -15.87 17.28
C TRP D 136 -23.46 -15.54 17.16
N LEU D 137 -22.96 -15.32 15.93
CA LEU D 137 -21.56 -14.98 15.80
C LEU D 137 -21.22 -13.75 16.63
N VAL D 138 -22.12 -12.76 16.64
CA VAL D 138 -21.86 -11.56 17.43
C VAL D 138 -22.00 -11.88 18.92
N LYS D 139 -22.81 -12.87 19.27
CA LYS D 139 -22.85 -13.34 20.65
C LYS D 139 -21.49 -13.84 21.12
N GLN D 140 -20.60 -14.17 20.18
CA GLN D 140 -19.18 -14.40 20.43
C GLN D 140 -18.33 -13.61 19.44
N ARG D 141 -18.82 -12.45 19.02
CA ARG D 141 -18.12 -11.52 18.13
C ARG D 141 -17.99 -12.06 16.70
N GLY D 142 -16.88 -12.71 16.38
CA GLY D 142 -16.71 -13.30 15.07
C GLY D 142 -15.64 -14.38 15.07
N TRP D 143 -14.82 -14.45 14.00
CA TRP D 143 -13.78 -15.46 13.99
C TRP D 143 -12.72 -15.21 15.05
N ASP D 144 -12.57 -13.96 15.48
CA ASP D 144 -11.76 -13.70 16.68
C ASP D 144 -12.35 -14.42 17.88
N GLY D 145 -13.68 -14.38 18.01
CA GLY D 145 -14.35 -15.16 19.03
C GLY D 145 -14.07 -16.64 18.90
N PHE D 146 -13.90 -17.12 17.67
CA PHE D 146 -13.46 -18.49 17.46
C PHE D 146 -12.11 -18.71 18.11
N VAL D 147 -11.10 -17.95 17.67
CA VAL D 147 -9.74 -18.17 18.16
C VAL D 147 -9.72 -18.07 19.68
N GLU D 148 -10.35 -17.04 20.23
CA GLU D 148 -10.36 -16.87 21.67
C GLU D 148 -11.08 -18.03 22.36
N PHE D 149 -12.16 -18.54 21.78
CA PHE D 149 -12.90 -19.65 22.35
C PHE D 149 -12.14 -20.98 22.26
N PHE D 150 -11.10 -21.08 21.43
CA PHE D 150 -10.25 -22.27 21.35
C PHE D 150 -8.83 -21.98 21.78
N HIS D 151 -8.67 -21.09 22.74
CA HIS D 151 -7.39 -20.91 23.39
C HIS D 151 -7.48 -21.46 24.80
C10 ECM E . 7.81 3.60 2.49
C13 ECM E . 10.52 4.95 0.92
C15 ECM E . 10.26 7.33 -0.38
C17 ECM E . 10.82 8.95 -2.31
C20 ECM E . 10.13 11.05 -4.05
C21 ECM E . 10.65 9.84 -4.56
C22 ECM E . 11.02 8.78 -3.71
C24 ECM E . 11.97 6.47 -4.15
C26 ECM E . 10.92 9.41 -5.90
C01 ECM E . 7.80 -2.08 4.25
C02 ECM E . 8.10 -0.62 4.53
C03 ECM E . 8.22 -0.17 5.84
C05 ECM E . 8.51 1.16 6.08
C06 ECM E . 8.63 1.63 7.54
C07 ECM E . 8.66 2.05 5.01
C08 ECM E . 8.53 1.59 3.71
C11 ECM E . 8.00 4.34 1.12
C12 ECM E . 9.36 4.09 0.40
C14 ECM E . 10.86 6.29 0.60
C18 ECM E . 10.32 10.16 -1.82
C19 ECM E . 9.96 11.21 -2.69
C25 ECM E . 11.42 8.13 -5.78
C27 ECM E . 10.69 10.21 -7.20
C30 ECM E . 12.56 7.57 -1.18
C31 ECM E . 13.24 8.33 -0.07
C32 ECM E . 12.48 7.99 1.18
C35 ECM E . 12.34 5.61 2.10
C36 ECM E . 11.50 4.54 1.90
C37 ECM E . 11.70 3.34 2.60
C38 ECM E . 12.76 3.21 3.52
C39 ECM E . 13.62 4.31 3.72
C41 ECM E . 13.43 5.50 3.02
C42 ECM E . 14.38 6.71 3.23
C43 ECM E . 15.45 7.13 2.36
C44 ECM E . 15.92 6.44 1.08
C46 ECM E . 17.08 8.95 2.35
C48 ECM E . 14.35 7.67 4.26
C49 ECM E . 13.39 7.71 5.45
C50 ECM E . 8.26 0.25 3.48
N16 ECM E . 11.19 7.92 -1.29
N23 ECM E . 11.47 7.78 -4.50
N34 ECM E . 11.92 6.65 1.29
N45 ECM E . 15.96 8.21 2.90
N47 ECM E . 15.33 8.54 4.00
O09 ECM E . 8.71 2.49 2.57
O28 ECM E . 11.60 10.96 -7.63
O29 ECM E . 9.61 10.11 -7.81
O33 ECM E . 9.11 7.58 -0.41
CL04 ECM E . 8.03 -1.27 7.22
CL40 ECM E . 14.94 4.16 4.84
C10 ECM F . -0.51 10.34 -32.33
C13 ECM F . 0.25 7.18 -31.60
C15 ECM F . -1.66 6.02 -30.08
C17 ECM F . -2.50 4.49 -28.28
C20 ECM F . -4.38 3.94 -26.29
C21 ECM F . -3.00 4.03 -25.98
C22 ECM F . -2.03 4.29 -26.96
C24 ECM F . 0.51 4.53 -26.94
C26 ECM F . -2.29 3.87 -24.75
C01 ECM F . 3.55 13.52 -35.52
C02 ECM F . 2.37 12.58 -35.40
C03 ECM F . 1.54 12.34 -36.48
C05 ECM F . 0.47 11.47 -36.36
C06 ECM F . -0.43 11.23 -37.59
C07 ECM F . 0.23 10.83 -35.14
C08 ECM F . 1.06 11.08 -34.04
C11 ECM F . -0.56 9.54 -30.98
C12 ECM F . 0.57 8.47 -30.84
C14 ECM F . -0.69 6.19 -31.28
C18 ECM F . -3.87 4.40 -28.60
C19 ECM F . -4.82 4.14 -27.59
C25 ECM F . -0.95 4.05 -25.07
C27 ECM F . -2.92 3.56 -23.38
C30 ECM F . -0.73 3.74 -29.87
C31 ECM F . -1.28 3.04 -31.09
C32 ECM F . -1.58 4.09 -32.11
C35 ECM F . 0.23 5.52 -33.17
C36 ECM F . 0.84 6.73 -32.85
C37 ECM F . 1.83 7.27 -33.68
C38 ECM F . 2.21 6.58 -34.85
C39 ECM F . 1.60 5.37 -35.16
C41 ECM F . 0.62 4.82 -34.36
C42 ECM F . -0.06 3.48 -34.74
C43 ECM F . 0.20 2.16 -34.20
C44 ECM F . 1.24 1.76 -33.16
C46 ECM F . -0.71 -0.08 -34.55
C48 ECM F . -1.12 3.28 -35.64
C49 ECM F . -1.79 4.35 -36.49
C50 ECM F . 2.13 11.95 -34.18
N16 ECM F . -1.61 4.77 -29.42
N23 ECM F . -0.82 4.30 -26.37
N34 ECM F . -0.68 5.24 -32.19
N45 ECM F . -0.64 1.34 -34.80
N47 ECM F . -1.41 1.98 -35.64
O09 ECM F . 0.85 10.43 -32.77
O28 ECM F . -2.90 2.39 -22.94
O29 ECM F . -3.49 4.47 -22.74
O33 ECM F . -2.39 6.89 -29.72
CL04 ECM F . 1.82 13.14 -38.03
CL40 ECM F . 2.07 4.55 -36.61
C10 ECM G . 6.40 14.59 16.33
C13 ECM G . 6.07 17.36 14.59
C15 ECM G . 8.37 18.33 13.62
C17 ECM G . 10.09 20.13 13.07
C20 ECM G . 12.78 21.01 12.94
C21 ECM G . 11.83 21.76 13.68
C22 ECM G . 10.48 21.33 13.74
C24 ECM G . 8.43 22.27 14.88
C26 ECM G . 11.89 22.99 14.45
C01 ECM G . 1.57 12.95 19.56
C02 ECM G . 2.42 12.98 18.30
C03 ECM G . 2.24 11.99 17.34
C05 ECM G . 3.00 12.00 16.19
C06 ECM G . 2.81 10.90 15.12
C07 ECM G . 3.95 13.02 16.00
C08 ECM G . 4.12 14.01 16.95
C11 ECM G . 7.30 15.85 16.24
C12 ECM G . 6.46 17.16 16.05
C14 ECM G . 6.90 17.85 13.57
C18 ECM G . 11.05 19.40 12.34
C19 ECM G . 12.39 19.84 12.28
C25 ECM G . 10.61 23.19 14.92
C27 ECM G . 13.07 23.95 14.78
C30 ECM G . 7.64 20.33 12.44
C31 ECM G . 7.20 19.80 11.09
C32 ECM G . 6.84 18.34 11.21
C35 ECM G . 4.94 17.44 12.64
C36 ECM G . 4.79 17.10 13.97
C37 ECM G . 3.57 16.60 14.46
C38 ECM G . 2.48 16.45 13.57
C39 ECM G . 2.62 16.81 12.23
C41 ECM G . 3.84 17.30 11.76
C42 ECM G . 4.01 17.69 10.28
C43 ECM G . 3.84 18.99 9.69
C44 ECM G . 3.40 20.25 10.42
C46 ECM G . 4.06 19.96 7.46
C48 ECM G . 4.45 16.88 9.22
C49 ECM G . 4.78 15.40 9.31
C50 ECM G . 3.36 13.99 18.11
N16 ECM G . 8.69 19.60 13.06
N23 ECM G . 9.82 22.22 14.49
N34 ECM G . 6.22 17.90 12.44
N45 ECM G . 4.13 18.88 8.42
N47 ECM G . 4.48 17.65 8.13
O09 ECM G . 5.10 15.05 16.75
O28 ECM G . 14.24 23.77 14.37
O29 ECM G . 12.83 24.97 15.49
O33 ECM G . 9.20 17.66 14.16
CL04 ECM G . 1.05 10.70 17.56
CL40 ECM G . 1.27 16.63 11.14
C10 ECM H . -22.87 -31.33 11.17
C13 ECM H . -23.13 -32.92 14.13
C15 ECM H . -24.82 -32.64 16.23
C17 ECM H . -25.44 -32.32 18.65
C20 ECM H . -27.23 -31.07 20.44
C21 ECM H . -25.83 -31.02 20.68
C22 ECM H . -24.91 -31.64 19.81
C24 ECM H . -22.35 -31.78 19.81
C26 ECM H . -25.07 -30.43 21.74
C01 ECM H . -20.20 -30.81 6.95
C02 ECM H . -21.54 -31.44 7.29
C03 ECM H . -22.22 -32.20 6.34
C05 ECM H . -23.46 -32.77 6.67
C06 ECM H . -24.23 -33.61 5.62
C07 ECM H . -24.00 -32.58 7.94
C08 ECM H . -23.31 -31.83 8.88
C11 ECM H . -23.60 -30.96 12.50
C12 ECM H . -22.80 -31.48 13.75
C14 ECM H . -23.97 -33.37 15.17
C18 ECM H . -26.82 -32.34 18.43
C19 ECM H . -27.73 -31.73 19.32
C25 ECM H . -23.75 -30.70 21.44
C27 ECM H . -25.62 -29.63 22.96
C30 ECM H . -23.71 -34.05 17.93
C31 ECM H . -24.28 -35.41 17.59
C32 ECM H . -24.83 -35.38 16.18
C35 ECM H . -23.22 -35.20 14.22
C36 ECM H . -22.64 -34.16 13.52
C37 ECM H . -21.77 -34.41 12.44
C38 ECM H . -21.50 -35.75 12.09
C39 ECM H . -22.08 -36.79 12.80
C41 ECM H . -22.94 -36.55 13.85
C42 ECM H . -23.57 -37.72 14.66
C43 ECM H . -23.04 -38.33 15.86
C44 ECM H . -21.74 -37.96 16.57
C46 ECM H . -23.70 -40.12 17.37
C48 ECM H . -24.77 -38.41 14.43
C49 ECM H . -25.75 -38.16 13.28
C50 ECM H . -22.09 -31.26 8.56
N16 ECM H . -24.63 -33.01 17.61
N23 ECM H . -23.67 -31.41 20.30
N34 ECM H . -24.01 -34.68 15.21
N45 ECM H . -23.88 -39.26 16.22
N47 ECM H . -24.89 -39.32 15.39
O09 ECM H . -23.87 -31.61 10.19
O28 ECM H . -26.64 -30.06 23.57
O29 ECM H . -25.07 -28.56 23.32
O33 ECM H . -25.57 -31.79 15.91
CL04 ECM H . -21.54 -32.45 4.74
CL40 ECM H . -21.73 -38.42 12.35
#